data_1MPR
#
_entry.id   1MPR
#
_cell.length_a   124.500
_cell.length_b   211.800
_cell.length_c   184.300
_cell.angle_alpha   90.00
_cell.angle_beta   90.00
_cell.angle_gamma   90.00
#
_symmetry.space_group_name_H-M   'C 2 2 21'
#
loop_
_entity.id
_entity.type
_entity.pdbx_description
1 polymer MALTOPORIN
2 non-polymer 'CALCIUM ION'
3 water water
#
_entity_poly.entity_id   1
_entity_poly.type   'polypeptide(L)'
_entity_poly.pdbx_seq_one_letter_code
;VDFHGYARSGIGWTGSGGEQQCFQATGAQSKYRLGNECETYAELKLGQEVWKEGDKSFYFDTNVAYSVNQQNDWESTDPA
FREANVQGKNLIEWLPGSTIWAGKRFYQRHDVHMIDFYYWDISGPGAGIENIDLGFGKLSLAATRSTEAGGSYTFSSQNI
YDEVKDTANDVFDVRLAGLQTNPDGVLELGVDYGRANTTDGYKLADGASKDGWMFTAEHTQSMLKGYNKFVVQYATDAMT
TQGKGQARGSDGSSSFTEELSDGTKINYANKVINNNGNMWRILDHGAISLGDKWDLMYVGMYQNIDWDNNLGTEWWTVGV
RPMYKWTPIMSTLLEVGYDNVKSQQTGDRNNQYKITLAQQWQAGDSIWSRPAIRIFATYAKWDEKWGYIKDGDNISRYAA
ATNSGISTNSRGDSDEWTFGAQMEIWW
;
_entity_poly.pdbx_strand_id   A,B,C
#
loop_
_chem_comp.id
_chem_comp.type
_chem_comp.name
_chem_comp.formula
CA non-polymer 'CALCIUM ION' 'Ca 2'
#
# COMPACT_ATOMS: atom_id res chain seq x y z
N VAL A 1 -21.24 -3.12 1.19
CA VAL A 1 -19.88 -3.63 0.88
C VAL A 1 -19.61 -4.88 1.72
N ASP A 2 -19.12 -5.93 1.06
CA ASP A 2 -18.80 -7.19 1.72
C ASP A 2 -17.34 -7.15 2.15
N PHE A 3 -17.09 -7.40 3.41
CA PHE A 3 -15.74 -7.39 3.95
C PHE A 3 -15.39 -8.82 4.29
N HIS A 4 -14.31 -9.31 3.70
CA HIS A 4 -13.86 -10.67 3.91
C HIS A 4 -12.35 -10.72 3.85
N GLY A 5 -11.78 -11.87 4.21
CA GLY A 5 -10.33 -12.01 4.16
C GLY A 5 -9.76 -13.10 5.03
N TYR A 6 -8.48 -12.95 5.37
CA TYR A 6 -7.76 -13.89 6.19
C TYR A 6 -6.66 -13.08 6.84
N ALA A 7 -6.27 -13.45 8.05
CA ALA A 7 -5.20 -12.74 8.72
C ALA A 7 -4.62 -13.57 9.86
N ARG A 8 -3.34 -13.40 10.12
CA ARG A 8 -2.68 -14.09 11.23
C ARG A 8 -1.63 -13.13 11.74
N SER A 9 -1.46 -13.10 13.05
CA SER A 9 -0.50 -12.22 13.68
C SER A 9 -0.27 -12.71 15.09
N GLY A 10 0.94 -12.55 15.59
CA GLY A 10 1.25 -13.00 16.94
C GLY A 10 2.64 -12.55 17.39
N ILE A 11 3.07 -13.04 18.56
CA ILE A 11 4.38 -12.72 19.11
C ILE A 11 4.95 -14.06 19.58
N GLY A 12 6.25 -14.27 19.37
CA GLY A 12 6.84 -15.53 19.77
C GLY A 12 8.27 -15.41 20.25
N TRP A 13 8.74 -16.46 20.91
CA TRP A 13 10.10 -16.53 21.46
C TRP A 13 10.73 -17.86 21.14
N THR A 14 12.04 -17.86 20.99
CA THR A 14 12.78 -19.08 20.73
C THR A 14 13.43 -19.48 22.05
N GLY A 15 13.29 -20.74 22.44
CA GLY A 15 13.86 -21.21 23.69
C GLY A 15 15.28 -20.74 23.98
N SER A 16 16.18 -20.90 23.03
CA SER A 16 17.56 -20.49 23.21
C SER A 16 17.80 -18.99 23.17
N GLY A 17 16.79 -18.21 22.81
CA GLY A 17 16.96 -16.77 22.74
C GLY A 17 16.40 -16.05 21.54
N GLY A 18 15.92 -14.84 21.81
CA GLY A 18 15.35 -13.98 20.77
C GLY A 18 13.98 -14.34 20.24
N GLU A 19 13.59 -13.64 19.18
CA GLU A 19 12.32 -13.84 18.52
C GLU A 19 12.08 -15.29 18.13
N GLN A 20 10.82 -15.59 17.87
CA GLN A 20 10.41 -16.91 17.46
C GLN A 20 11.09 -17.23 16.13
N GLN A 21 11.44 -18.50 15.93
CA GLN A 21 12.03 -18.96 14.69
C GLN A 21 11.07 -20.01 14.14
N CYS A 22 11.01 -20.15 12.82
CA CYS A 22 10.14 -21.13 12.18
C CYS A 22 10.93 -22.24 11.51
N PHE A 23 10.41 -23.45 11.61
CA PHE A 23 11.09 -24.63 11.10
C PHE A 23 10.54 -25.31 9.85
N GLN A 24 11.34 -25.30 8.78
CA GLN A 24 10.96 -25.94 7.52
C GLN A 24 12.14 -26.75 6.98
N ALA A 25 11.89 -28.02 6.67
CA ALA A 25 12.92 -28.88 6.14
C ALA A 25 13.46 -28.39 4.80
N THR A 26 14.78 -28.26 4.68
CA THR A 26 15.39 -27.85 3.43
C THR A 26 15.01 -28.88 2.34
N GLY A 27 14.44 -28.38 1.24
CA GLY A 27 14.02 -29.26 0.17
C GLY A 27 12.51 -29.43 0.17
N ALA A 28 11.88 -29.26 1.33
CA ALA A 28 10.43 -29.37 1.47
C ALA A 28 9.78 -28.08 0.97
N GLN A 29 8.62 -28.21 0.34
CA GLN A 29 7.91 -27.04 -0.18
C GLN A 29 6.89 -26.47 0.82
N SER A 30 6.90 -26.99 2.05
CA SER A 30 5.98 -26.50 3.07
C SER A 30 6.45 -26.86 4.47
N LYS A 31 5.72 -26.37 5.47
CA LYS A 31 6.04 -26.67 6.86
C LYS A 31 4.72 -26.81 7.59
N TYR A 32 4.75 -27.51 8.71
CA TYR A 32 3.57 -27.70 9.53
C TYR A 32 3.40 -26.38 10.25
N ARG A 33 2.32 -25.68 9.91
CA ARG A 33 2.06 -24.34 10.43
C ARG A 33 1.69 -24.02 11.87
N LEU A 34 0.98 -24.90 12.57
CA LEU A 34 0.59 -24.60 13.96
C LEU A 34 1.79 -24.21 14.77
N GLY A 35 1.76 -22.99 15.30
CA GLY A 35 2.86 -22.50 16.12
C GLY A 35 4.17 -22.55 15.37
N ASN A 36 4.10 -22.29 14.07
CA ASN A 36 5.27 -22.34 13.23
C ASN A 36 5.11 -21.32 12.11
N GLU A 37 4.50 -20.18 12.44
CA GLU A 37 4.31 -19.09 11.47
C GLU A 37 4.97 -17.85 12.06
N CYS A 38 5.92 -17.29 11.30
CA CYS A 38 6.70 -16.15 11.76
C CYS A 38 6.43 -14.77 11.16
N GLU A 39 5.23 -14.54 10.65
CA GLU A 39 4.90 -13.24 10.10
C GLU A 39 3.43 -12.89 10.28
N THR A 40 3.11 -11.62 10.07
CA THR A 40 1.73 -11.16 10.14
C THR A 40 1.38 -11.13 8.68
N TYR A 41 0.35 -11.85 8.29
CA TYR A 41 -0.09 -11.85 6.91
C TYR A 41 -1.58 -11.58 6.92
N ALA A 42 -2.05 -10.73 6.02
CA ALA A 42 -3.46 -10.42 5.97
C ALA A 42 -3.91 -10.10 4.56
N GLU A 43 -5.10 -10.57 4.23
CA GLU A 43 -5.71 -10.33 2.96
C GLU A 43 -7.02 -9.63 3.24
N LEU A 44 -7.15 -8.39 2.78
CA LEU A 44 -8.37 -7.61 3.00
C LEU A 44 -9.17 -7.53 1.73
N LYS A 45 -10.29 -8.24 1.70
CA LYS A 45 -11.15 -8.24 0.54
C LYS A 45 -12.39 -7.38 0.75
N LEU A 46 -12.69 -6.52 -0.21
CA LEU A 46 -13.89 -5.67 -0.18
C LEU A 46 -14.55 -5.96 -1.52
N GLY A 47 -15.77 -6.45 -1.49
CA GLY A 47 -16.46 -6.75 -2.73
C GLY A 47 -17.88 -6.32 -2.63
N GLN A 48 -18.66 -6.53 -3.68
CA GLN A 48 -20.06 -6.14 -3.68
C GLN A 48 -20.83 -6.70 -4.86
N GLU A 49 -22.10 -7.04 -4.62
CA GLU A 49 -22.94 -7.53 -5.71
C GLU A 49 -23.46 -6.22 -6.29
N VAL A 50 -22.84 -5.77 -7.37
CA VAL A 50 -23.21 -4.49 -7.96
C VAL A 50 -24.47 -4.43 -8.83
N TRP A 51 -25.11 -5.56 -9.11
CA TRP A 51 -26.29 -5.51 -9.95
C TRP A 51 -26.96 -6.83 -9.88
N LYS A 52 -28.28 -6.79 -9.87
CA LYS A 52 -29.05 -8.01 -9.81
C LYS A 52 -30.38 -7.70 -10.44
N GLU A 53 -30.82 -8.58 -11.32
CA GLU A 53 -32.08 -8.41 -12.00
C GLU A 53 -32.55 -9.83 -12.30
N GLY A 54 -33.33 -10.38 -11.38
CA GLY A 54 -33.84 -11.72 -11.55
C GLY A 54 -32.81 -12.74 -11.12
N ASP A 55 -32.41 -13.60 -12.04
CA ASP A 55 -31.41 -14.61 -11.74
C ASP A 55 -30.03 -14.13 -12.15
N LYS A 56 -29.96 -12.98 -12.82
CA LYS A 56 -28.71 -12.43 -13.29
C LYS A 56 -28.07 -11.48 -12.30
N SER A 57 -26.75 -11.47 -12.22
CA SER A 57 -26.08 -10.58 -11.30
C SER A 57 -24.62 -10.42 -11.64
N PHE A 58 -24.03 -9.37 -11.09
CA PHE A 58 -22.64 -9.07 -11.29
C PHE A 58 -22.01 -8.87 -9.93
N TYR A 59 -20.96 -9.61 -9.65
CA TYR A 59 -20.29 -9.43 -8.38
C TYR A 59 -18.90 -8.90 -8.64
N PHE A 60 -18.51 -7.88 -7.88
CA PHE A 60 -17.19 -7.26 -8.00
C PHE A 60 -16.40 -7.65 -6.75
N ASP A 61 -15.16 -8.09 -6.92
CA ASP A 61 -14.37 -8.53 -5.78
C ASP A 61 -12.94 -8.05 -5.88
N THR A 62 -12.33 -7.74 -4.74
CA THR A 62 -10.96 -7.28 -4.72
C THR A 62 -10.18 -7.99 -3.61
N ASN A 63 -8.87 -7.80 -3.59
CA ASN A 63 -8.04 -8.40 -2.55
C ASN A 63 -6.68 -7.70 -2.53
N VAL A 64 -6.36 -7.11 -1.38
CA VAL A 64 -5.11 -6.41 -1.17
C VAL A 64 -4.42 -7.16 -0.02
N ALA A 65 -3.23 -7.71 -0.29
CA ALA A 65 -2.51 -8.49 0.70
C ALA A 65 -1.34 -7.75 1.34
N TYR A 66 -1.14 -8.00 2.63
CA TYR A 66 -0.06 -7.36 3.36
C TYR A 66 0.71 -8.41 4.12
N SER A 67 2.03 -8.33 4.05
CA SER A 67 2.90 -9.26 4.75
C SER A 67 3.97 -8.41 5.44
N VAL A 68 4.02 -8.45 6.77
CA VAL A 68 4.99 -7.69 7.54
C VAL A 68 5.64 -8.65 8.54
N ASN A 69 6.83 -8.30 9.03
CA ASN A 69 7.55 -9.20 9.92
C ASN A 69 7.18 -9.15 11.36
N GLN A 70 6.14 -8.39 11.68
CA GLN A 70 5.67 -8.26 13.06
C GLN A 70 6.81 -8.11 14.07
N GLN A 71 7.70 -7.17 13.82
CA GLN A 71 8.80 -6.91 14.73
C GLN A 71 8.83 -5.48 15.29
N ASN A 72 7.81 -4.72 14.94
CA ASN A 72 7.65 -3.34 15.39
C ASN A 72 6.22 -2.90 15.07
N ASP A 73 5.82 -1.74 15.61
CA ASP A 73 4.51 -1.15 15.37
C ASP A 73 4.45 -0.66 13.90
N TRP A 74 5.21 0.39 13.60
CA TRP A 74 5.23 0.94 12.25
C TRP A 74 6.05 0.08 11.31
N GLU A 75 5.38 -0.69 10.47
CA GLU A 75 6.08 -1.53 9.51
C GLU A 75 5.55 -1.25 8.14
N SER A 76 6.36 -0.55 7.36
CA SER A 76 6.00 -0.23 6.00
C SER A 76 6.11 -1.48 5.14
N THR A 77 5.35 -1.52 4.06
CA THR A 77 5.36 -2.65 3.17
C THR A 77 4.80 -2.27 1.81
N ASP A 78 4.98 -3.17 0.85
CA ASP A 78 4.46 -2.98 -0.48
C ASP A 78 3.36 -3.99 -0.60
N PRO A 79 2.11 -3.54 -0.48
CA PRO A 79 1.00 -4.48 -0.58
C PRO A 79 0.90 -5.09 -1.98
N ALA A 80 0.33 -6.28 -2.06
CA ALA A 80 0.16 -6.94 -3.33
C ALA A 80 -1.31 -6.84 -3.70
N PHE A 81 -1.59 -6.28 -4.85
CA PHE A 81 -2.96 -6.16 -5.32
C PHE A 81 -3.23 -7.51 -6.00
N ARG A 82 -3.73 -8.47 -5.25
CA ARG A 82 -3.98 -9.83 -5.77
C ARG A 82 -5.26 -10.14 -6.55
N GLU A 83 -6.35 -9.46 -6.22
CA GLU A 83 -7.61 -9.71 -6.94
C GLU A 83 -8.34 -8.45 -7.30
N ALA A 84 -9.03 -8.52 -8.45
CA ALA A 84 -9.82 -7.42 -8.97
C ALA A 84 -10.48 -8.04 -10.19
N ASN A 85 -11.66 -8.62 -9.99
CA ASN A 85 -12.42 -9.25 -11.07
C ASN A 85 -13.92 -9.04 -10.93
N VAL A 86 -14.64 -9.27 -12.03
CA VAL A 86 -16.09 -9.17 -12.08
C VAL A 86 -16.57 -10.53 -12.55
N GLN A 87 -17.64 -11.02 -11.93
CA GLN A 87 -18.25 -12.30 -12.27
C GLN A 87 -19.71 -12.05 -12.57
N GLY A 88 -20.16 -12.47 -13.74
CA GLY A 88 -21.54 -12.27 -14.11
C GLY A 88 -22.22 -13.62 -14.14
N LYS A 89 -23.20 -13.81 -13.26
CA LYS A 89 -23.93 -15.08 -13.20
C LYS A 89 -25.13 -15.07 -14.08
N ASN A 90 -25.34 -16.17 -14.78
CA ASN A 90 -26.49 -16.35 -15.65
C ASN A 90 -26.64 -15.38 -16.79
N LEU A 91 -25.55 -14.89 -17.33
CA LEU A 91 -25.67 -13.95 -18.41
C LEU A 91 -25.83 -14.67 -19.75
N ILE A 92 -25.30 -15.90 -19.83
CA ILE A 92 -25.36 -16.68 -21.07
C ILE A 92 -26.58 -17.59 -21.04
N GLU A 93 -27.63 -17.18 -21.75
CA GLU A 93 -28.90 -17.90 -21.82
C GLU A 93 -28.80 -19.41 -22.12
N TRP A 94 -27.99 -19.76 -23.10
CA TRP A 94 -27.81 -21.15 -23.48
C TRP A 94 -26.87 -21.96 -22.59
N LEU A 95 -26.24 -21.30 -21.62
CA LEU A 95 -25.36 -21.98 -20.68
C LEU A 95 -25.86 -21.55 -19.33
N PRO A 96 -27.11 -21.93 -19.00
CA PRO A 96 -27.73 -21.57 -17.73
C PRO A 96 -26.91 -21.95 -16.53
N GLY A 97 -26.79 -21.04 -15.58
CA GLY A 97 -26.03 -21.29 -14.37
C GLY A 97 -24.54 -20.98 -14.44
N SER A 98 -24.01 -20.89 -15.66
CA SER A 98 -22.60 -20.60 -15.86
C SER A 98 -22.26 -19.19 -15.41
N THR A 99 -21.02 -18.99 -15.03
CA THR A 99 -20.56 -17.69 -14.60
C THR A 99 -19.40 -17.29 -15.50
N ILE A 100 -19.44 -16.09 -16.08
CA ILE A 100 -18.31 -15.62 -16.89
C ILE A 100 -17.57 -14.60 -16.04
N TRP A 101 -16.25 -14.59 -16.09
CA TRP A 101 -15.52 -13.65 -15.28
C TRP A 101 -14.24 -13.22 -15.97
N ALA A 102 -13.66 -12.11 -15.53
CA ALA A 102 -12.43 -11.58 -16.08
C ALA A 102 -11.79 -10.72 -15.04
N GLY A 103 -10.47 -10.75 -14.96
CA GLY A 103 -9.76 -9.95 -13.99
C GLY A 103 -8.82 -10.81 -13.18
N LYS A 104 -8.07 -10.20 -12.26
CA LYS A 104 -7.14 -10.97 -11.41
C LYS A 104 -8.03 -11.72 -10.45
N ARG A 105 -7.80 -13.00 -10.28
CA ARG A 105 -8.64 -13.78 -9.40
C ARG A 105 -8.00 -15.01 -8.81
N PHE A 106 -8.37 -15.33 -7.56
CA PHE A 106 -7.91 -16.56 -6.91
C PHE A 106 -8.87 -17.63 -7.50
N TYR A 107 -8.45 -18.29 -8.58
CA TYR A 107 -9.30 -19.26 -9.23
C TYR A 107 -9.27 -20.67 -8.71
N GLN A 108 -10.40 -21.08 -8.12
CA GLN A 108 -10.58 -22.43 -7.58
C GLN A 108 -9.31 -23.08 -7.04
N ARG A 109 -8.75 -22.49 -6.00
CA ARG A 109 -7.53 -23.01 -5.39
C ARG A 109 -7.80 -24.22 -4.50
N HIS A 110 -6.90 -25.22 -4.57
CA HIS A 110 -7.00 -26.44 -3.76
C HIS A 110 -5.78 -26.45 -2.86
N ASP A 111 -5.97 -26.58 -1.55
CA ASP A 111 -4.85 -26.55 -0.61
C ASP A 111 -5.04 -27.51 0.55
N VAL A 112 -3.99 -27.67 1.35
CA VAL A 112 -4.04 -28.51 2.53
C VAL A 112 -3.76 -27.49 3.64
N HIS A 113 -4.79 -27.15 4.42
CA HIS A 113 -4.63 -26.15 5.46
C HIS A 113 -3.45 -26.28 6.43
N MET A 114 -3.32 -27.43 7.08
CA MET A 114 -2.25 -27.59 8.07
C MET A 114 -0.82 -27.35 7.63
N ILE A 115 -0.55 -27.51 6.35
CA ILE A 115 0.80 -27.27 5.85
C ILE A 115 0.82 -26.05 4.93
N ASP A 116 -0.33 -25.39 4.81
CA ASP A 116 -0.51 -24.20 3.98
C ASP A 116 0.07 -24.45 2.59
N PHE A 117 -0.25 -25.62 2.05
CA PHE A 117 0.25 -26.03 0.76
C PHE A 117 -0.84 -26.05 -0.29
N TYR A 118 -0.63 -25.28 -1.35
CA TYR A 118 -1.59 -25.23 -2.45
C TYR A 118 -1.08 -26.21 -3.49
N TYR A 119 -1.91 -27.16 -3.88
CA TYR A 119 -1.49 -28.10 -4.88
C TYR A 119 -2.15 -27.88 -6.23
N TRP A 120 -3.06 -26.91 -6.32
CA TRP A 120 -3.73 -26.64 -7.59
C TRP A 120 -4.14 -25.17 -7.49
N ASP A 121 -3.31 -24.30 -8.06
CA ASP A 121 -3.51 -22.86 -8.00
C ASP A 121 -2.98 -22.14 -9.25
N ILE A 122 -3.87 -21.85 -10.19
CA ILE A 122 -3.48 -21.15 -11.39
C ILE A 122 -3.90 -19.67 -11.29
N SER A 123 -4.08 -19.18 -10.06
CA SER A 123 -4.51 -17.81 -9.83
C SER A 123 -3.65 -16.78 -10.53
N GLY A 124 -4.25 -15.65 -10.84
CA GLY A 124 -3.54 -14.58 -11.50
C GLY A 124 -4.48 -13.89 -12.46
N PRO A 125 -3.98 -13.05 -13.36
CA PRO A 125 -4.82 -12.35 -14.33
C PRO A 125 -5.43 -13.42 -15.23
N GLY A 126 -6.73 -13.36 -15.48
CA GLY A 126 -7.34 -14.36 -16.35
C GLY A 126 -8.76 -14.06 -16.72
N ALA A 127 -9.41 -15.06 -17.29
CA ALA A 127 -10.79 -14.96 -17.70
C ALA A 127 -11.23 -16.40 -17.94
N GLY A 128 -12.53 -16.63 -18.00
CA GLY A 128 -13.01 -17.97 -18.24
C GLY A 128 -14.50 -18.06 -17.99
N ILE A 129 -15.06 -19.25 -18.11
CA ILE A 129 -16.47 -19.46 -17.87
C ILE A 129 -16.56 -20.70 -17.02
N GLU A 130 -17.19 -20.58 -15.87
CA GLU A 130 -17.28 -21.73 -15.00
C GLU A 130 -18.70 -22.20 -14.78
N ASN A 131 -18.79 -23.43 -14.28
CA ASN A 131 -20.03 -24.12 -13.94
C ASN A 131 -21.00 -24.32 -15.06
N ILE A 132 -20.49 -24.80 -16.19
CA ILE A 132 -21.34 -25.10 -17.33
C ILE A 132 -21.93 -26.44 -16.92
N ASP A 133 -23.25 -26.52 -16.84
CA ASP A 133 -23.93 -27.75 -16.46
C ASP A 133 -23.99 -28.78 -17.57
N LEU A 134 -23.33 -29.91 -17.34
CA LEU A 134 -23.30 -31.02 -18.30
C LEU A 134 -24.26 -32.14 -17.87
N GLY A 135 -25.00 -31.91 -16.78
CA GLY A 135 -25.92 -32.92 -16.30
C GLY A 135 -25.22 -33.85 -15.35
N PHE A 136 -24.23 -34.58 -15.83
CA PHE A 136 -23.49 -35.50 -14.99
C PHE A 136 -22.32 -34.82 -14.27
N GLY A 137 -22.12 -33.54 -14.50
CA GLY A 137 -21.03 -32.82 -13.88
C GLY A 137 -21.00 -31.37 -14.32
N LYS A 138 -20.08 -30.61 -13.78
CA LYS A 138 -19.94 -29.20 -14.12
C LYS A 138 -18.61 -28.98 -14.81
N LEU A 139 -18.65 -28.30 -15.94
CA LEU A 139 -17.46 -28.01 -16.73
C LEU A 139 -17.04 -26.55 -16.59
N SER A 140 -15.74 -26.31 -16.42
CA SER A 140 -15.21 -24.94 -16.31
C SER A 140 -13.98 -24.81 -17.16
N LEU A 141 -13.88 -23.69 -17.86
CA LEU A 141 -12.75 -23.41 -18.72
C LEU A 141 -12.16 -22.07 -18.29
N ALA A 142 -10.83 -21.97 -18.26
CA ALA A 142 -10.15 -20.73 -17.86
C ALA A 142 -8.77 -20.60 -18.48
N ALA A 143 -8.30 -19.37 -18.59
CA ALA A 143 -6.99 -19.07 -19.11
C ALA A 143 -6.43 -18.03 -18.18
N THR A 144 -5.28 -18.30 -17.60
CA THR A 144 -4.67 -17.32 -16.71
C THR A 144 -3.24 -17.10 -17.16
N ARG A 145 -2.59 -16.11 -16.55
CA ARG A 145 -1.21 -15.80 -16.89
C ARG A 145 -0.27 -15.62 -15.71
N SER A 146 1.00 -15.94 -15.94
CA SER A 146 2.07 -15.74 -14.97
C SER A 146 3.26 -15.33 -15.84
N THR A 147 4.22 -14.62 -15.29
CA THR A 147 5.38 -14.24 -16.09
C THR A 147 6.65 -14.44 -15.31
N GLU A 148 7.69 -14.87 -16.02
CA GLU A 148 8.98 -15.13 -15.44
C GLU A 148 9.87 -13.97 -15.73
N ALA A 149 10.85 -13.75 -14.86
CA ALA A 149 11.81 -12.65 -15.08
C ALA A 149 12.82 -13.07 -16.16
N GLY A 150 12.97 -12.22 -17.18
CA GLY A 150 13.88 -12.52 -18.26
C GLY A 150 13.44 -13.75 -19.03
N GLY A 151 14.37 -14.40 -19.71
CA GLY A 151 14.03 -15.59 -20.46
C GLY A 151 13.74 -15.33 -21.91
N SER A 152 13.41 -14.11 -22.29
CA SER A 152 13.16 -13.79 -23.69
C SER A 152 14.24 -12.83 -24.18
N TYR A 153 14.97 -13.24 -25.23
CA TYR A 153 16.06 -12.43 -25.76
C TYR A 153 15.97 -12.20 -27.25
N THR A 154 16.51 -11.07 -27.69
CA THR A 154 16.55 -10.74 -29.12
C THR A 154 17.97 -11.11 -29.54
N PHE A 155 18.17 -12.33 -30.02
CA PHE A 155 19.49 -12.76 -30.42
C PHE A 155 19.98 -12.17 -31.74
N SER A 156 21.20 -11.65 -31.73
CA SER A 156 21.81 -11.08 -32.91
C SER A 156 22.64 -12.15 -33.59
N SER A 157 23.49 -12.81 -32.81
CA SER A 157 24.35 -13.89 -33.28
C SER A 157 24.69 -14.82 -32.12
N GLN A 158 24.51 -16.12 -32.33
CA GLN A 158 24.77 -17.13 -31.31
C GLN A 158 24.00 -16.78 -30.04
N ASN A 159 24.57 -17.07 -28.87
CA ASN A 159 23.88 -16.74 -27.62
C ASN A 159 24.10 -15.28 -27.23
N ILE A 160 24.46 -14.48 -28.21
CA ILE A 160 24.68 -13.08 -27.97
C ILE A 160 23.37 -12.39 -28.29
N TYR A 161 22.92 -11.54 -27.38
CA TYR A 161 21.65 -10.85 -27.58
C TYR A 161 21.72 -9.35 -27.30
N ASP A 162 20.78 -8.61 -27.88
CA ASP A 162 20.70 -7.17 -27.69
C ASP A 162 19.82 -6.82 -26.50
N GLU A 163 18.60 -7.37 -26.44
CA GLU A 163 17.67 -7.10 -25.35
C GLU A 163 17.05 -8.34 -24.71
N VAL A 164 16.68 -8.19 -23.44
CA VAL A 164 16.02 -9.25 -22.69
C VAL A 164 14.61 -8.75 -22.47
N LYS A 165 13.76 -9.63 -21.98
CA LYS A 165 12.38 -9.27 -21.71
C LYS A 165 11.82 -10.37 -20.83
N ASP A 166 10.80 -10.03 -20.05
CA ASP A 166 10.17 -11.01 -19.17
C ASP A 166 9.32 -11.90 -20.04
N THR A 167 9.23 -13.17 -19.65
CA THR A 167 8.50 -14.15 -20.42
C THR A 167 7.15 -14.52 -19.85
N ALA A 168 6.11 -14.26 -20.61
CA ALA A 168 4.74 -14.58 -20.20
C ALA A 168 4.46 -16.06 -20.41
N ASN A 169 3.80 -16.69 -19.46
CA ASN A 169 3.44 -18.10 -19.56
C ASN A 169 1.94 -18.19 -19.47
N ASP A 170 1.31 -18.78 -20.48
CA ASP A 170 -0.14 -18.92 -20.49
C ASP A 170 -0.56 -20.30 -20.04
N VAL A 171 -1.67 -20.39 -19.31
CA VAL A 171 -2.19 -21.69 -18.88
C VAL A 171 -3.62 -21.80 -19.36
N PHE A 172 -3.97 -22.95 -19.94
CA PHE A 172 -5.32 -23.17 -20.41
C PHE A 172 -5.79 -24.33 -19.55
N ASP A 173 -6.81 -24.02 -18.74
CA ASP A 173 -7.34 -24.92 -17.74
C ASP A 173 -8.75 -25.42 -18.01
N VAL A 174 -8.95 -26.73 -17.87
CA VAL A 174 -10.24 -27.39 -18.08
C VAL A 174 -10.48 -28.34 -16.90
N ARG A 175 -11.67 -28.24 -16.31
CA ARG A 175 -12.02 -29.05 -15.16
C ARG A 175 -13.44 -29.58 -15.31
N LEU A 176 -13.66 -30.80 -14.81
CA LEU A 176 -14.97 -31.45 -14.83
C LEU A 176 -15.14 -31.92 -13.39
N ALA A 177 -16.14 -31.38 -12.72
CA ALA A 177 -16.32 -31.72 -11.32
C ALA A 177 -17.71 -32.23 -11.04
N GLY A 178 -17.87 -32.79 -9.85
CA GLY A 178 -19.17 -33.32 -9.47
C GLY A 178 -19.50 -34.67 -10.08
N LEU A 179 -18.51 -35.46 -10.45
CA LEU A 179 -18.75 -36.80 -11.01
C LEU A 179 -19.06 -37.70 -9.82
N GLN A 180 -20.31 -38.13 -9.73
CA GLN A 180 -20.76 -38.97 -8.64
C GLN A 180 -20.26 -40.38 -8.90
N THR A 181 -19.16 -40.75 -8.25
CA THR A 181 -18.57 -42.07 -8.45
C THR A 181 -19.07 -43.16 -7.51
N ASN A 182 -19.49 -42.77 -6.32
CA ASN A 182 -19.98 -43.72 -5.34
C ASN A 182 -20.79 -42.94 -4.33
N PRO A 183 -21.55 -43.64 -3.47
CA PRO A 183 -22.34 -42.92 -2.47
C PRO A 183 -21.46 -42.02 -1.59
N ASP A 184 -21.80 -40.73 -1.56
CA ASP A 184 -21.07 -39.71 -0.79
C ASP A 184 -19.65 -39.46 -1.32
N GLY A 185 -19.40 -39.87 -2.55
CA GLY A 185 -18.10 -39.68 -3.13
C GLY A 185 -18.28 -38.92 -4.42
N VAL A 186 -17.33 -38.06 -4.71
CA VAL A 186 -17.40 -37.26 -5.91
C VAL A 186 -15.99 -37.16 -6.48
N LEU A 187 -15.90 -37.02 -7.79
CA LEU A 187 -14.62 -36.94 -8.46
C LEU A 187 -14.54 -35.75 -9.37
N GLU A 188 -13.38 -35.09 -9.37
CA GLU A 188 -13.10 -33.94 -10.25
C GLU A 188 -11.84 -34.24 -11.03
N LEU A 189 -11.91 -34.01 -12.33
CA LEU A 189 -10.79 -34.23 -13.24
C LEU A 189 -10.36 -32.86 -13.76
N GLY A 190 -9.07 -32.68 -14.00
CA GLY A 190 -8.61 -31.41 -14.52
C GLY A 190 -7.39 -31.58 -15.39
N VAL A 191 -7.27 -30.76 -16.43
CA VAL A 191 -6.13 -30.80 -17.34
C VAL A 191 -5.61 -29.38 -17.46
N ASP A 192 -4.30 -29.23 -17.49
CA ASP A 192 -3.68 -27.92 -17.62
C ASP A 192 -2.58 -27.99 -18.65
N TYR A 193 -2.62 -27.09 -19.62
CA TYR A 193 -1.56 -27.02 -20.62
C TYR A 193 -0.99 -25.61 -20.56
N GLY A 194 0.32 -25.51 -20.32
CA GLY A 194 0.94 -24.19 -20.24
C GLY A 194 2.15 -24.02 -21.13
N ARG A 195 2.41 -22.78 -21.57
CA ARG A 195 3.54 -22.53 -22.45
C ARG A 195 4.04 -21.09 -22.36
N ALA A 196 5.37 -20.93 -22.43
CA ALA A 196 5.99 -19.61 -22.42
C ALA A 196 5.58 -19.03 -23.75
N ASN A 197 5.10 -17.80 -23.76
CA ASN A 197 4.64 -17.16 -24.98
C ASN A 197 5.47 -15.91 -25.23
N THR A 198 6.47 -16.04 -26.11
CA THR A 198 7.40 -14.98 -26.45
C THR A 198 6.91 -13.93 -27.44
N THR A 199 7.37 -12.69 -27.24
CA THR A 199 7.02 -11.58 -28.10
C THR A 199 7.75 -11.76 -29.42
N ASP A 200 7.21 -11.22 -30.50
CA ASP A 200 7.86 -11.35 -31.80
C ASP A 200 9.26 -10.76 -31.73
N GLY A 201 10.23 -11.50 -32.27
CA GLY A 201 11.61 -11.04 -32.26
C GLY A 201 12.42 -11.65 -31.14
N TYR A 202 11.76 -11.95 -30.03
CA TYR A 202 12.44 -12.55 -28.91
C TYR A 202 12.32 -14.03 -29.00
N LYS A 203 13.29 -14.71 -28.40
CA LYS A 203 13.35 -16.16 -28.38
C LYS A 203 13.87 -16.59 -27.02
N LEU A 204 13.54 -17.82 -26.63
CA LEU A 204 14.01 -18.38 -25.37
C LEU A 204 15.44 -18.88 -25.63
N ALA A 205 16.28 -18.87 -24.60
CA ALA A 205 17.65 -19.34 -24.73
C ALA A 205 17.57 -20.83 -25.04
N ASP A 206 18.63 -21.43 -25.59
CA ASP A 206 18.49 -22.84 -25.87
C ASP A 206 18.53 -23.67 -24.62
N GLY A 207 17.67 -24.67 -24.56
CA GLY A 207 17.58 -25.52 -23.40
C GLY A 207 16.27 -25.35 -22.66
N ALA A 208 15.63 -24.18 -22.81
CA ALA A 208 14.37 -23.89 -22.15
C ALA A 208 13.37 -25.02 -22.41
N SER A 209 12.47 -25.27 -21.45
CA SER A 209 11.47 -26.33 -21.59
C SER A 209 10.25 -25.93 -22.41
N LYS A 210 9.92 -24.64 -22.37
CA LYS A 210 8.81 -24.04 -23.13
C LYS A 210 7.37 -24.36 -22.75
N ASP A 211 6.97 -25.63 -22.73
CA ASP A 211 5.61 -25.96 -22.37
C ASP A 211 5.51 -27.22 -21.50
N GLY A 212 4.30 -27.65 -21.17
CA GLY A 212 4.15 -28.81 -20.33
C GLY A 212 2.69 -29.06 -20.04
N TRP A 213 2.41 -30.18 -19.39
CA TRP A 213 1.04 -30.58 -19.05
C TRP A 213 0.92 -30.96 -17.60
N MET A 214 -0.29 -30.91 -17.08
CA MET A 214 -0.55 -31.33 -15.73
C MET A 214 -1.92 -31.93 -15.68
N PHE A 215 -2.04 -33.08 -15.05
CA PHE A 215 -3.32 -33.78 -14.94
C PHE A 215 -3.62 -33.99 -13.47
N THR A 216 -4.87 -33.70 -13.08
CA THR A 216 -5.28 -33.81 -11.70
C THR A 216 -6.55 -34.59 -11.60
N ALA A 217 -6.64 -35.40 -10.57
CA ALA A 217 -7.82 -36.18 -10.27
C ALA A 217 -7.96 -36.08 -8.75
N GLU A 218 -9.12 -35.61 -8.30
CA GLU A 218 -9.37 -35.44 -6.88
C GLU A 218 -10.68 -36.07 -6.50
N HIS A 219 -10.63 -36.96 -5.52
CA HIS A 219 -11.84 -37.61 -5.07
C HIS A 219 -12.18 -37.14 -3.69
N THR A 220 -13.44 -36.74 -3.49
CA THR A 220 -13.91 -36.28 -2.19
C THR A 220 -14.94 -37.23 -1.61
N GLN A 221 -14.69 -37.69 -0.40
CA GLN A 221 -15.60 -38.59 0.28
C GLN A 221 -16.04 -37.90 1.55
N SER A 222 -17.35 -37.73 1.68
CA SER A 222 -17.93 -37.09 2.85
C SER A 222 -18.14 -38.15 3.90
N MET A 223 -17.70 -37.88 5.11
CA MET A 223 -17.82 -38.85 6.19
C MET A 223 -17.41 -38.21 7.50
N LEU A 224 -17.81 -38.83 8.60
CA LEU A 224 -17.48 -38.36 9.94
C LEU A 224 -17.60 -36.85 10.08
N LYS A 225 -18.67 -36.32 9.49
CA LYS A 225 -18.97 -34.88 9.51
C LYS A 225 -17.83 -34.05 8.95
N GLY A 226 -17.14 -34.64 7.99
CA GLY A 226 -16.01 -33.99 7.35
C GLY A 226 -15.82 -34.65 6.00
N TYR A 227 -14.57 -34.78 5.59
CA TYR A 227 -14.30 -35.37 4.30
C TYR A 227 -12.91 -35.91 4.31
N ASN A 228 -12.60 -36.59 3.22
CA ASN A 228 -11.29 -37.14 2.96
C ASN A 228 -11.09 -36.91 1.48
N LYS A 229 -9.95 -36.32 1.12
CA LYS A 229 -9.65 -36.05 -0.27
C LYS A 229 -8.42 -36.84 -0.70
N PHE A 230 -8.55 -37.47 -1.85
CA PHE A 230 -7.47 -38.26 -2.42
C PHE A 230 -7.11 -37.60 -3.74
N VAL A 231 -5.85 -37.23 -3.86
CA VAL A 231 -5.39 -36.53 -5.03
C VAL A 231 -4.21 -37.21 -5.71
N VAL A 232 -4.27 -37.25 -7.02
CA VAL A 232 -3.21 -37.80 -7.83
C VAL A 232 -2.92 -36.76 -8.88
N GLN A 233 -1.66 -36.38 -9.02
CA GLN A 233 -1.27 -35.38 -10.01
C GLN A 233 0.02 -35.77 -10.69
N TYR A 234 0.05 -35.51 -11.99
CA TYR A 234 1.19 -35.81 -12.83
C TYR A 234 1.47 -34.57 -13.67
N ALA A 235 2.69 -34.06 -13.57
CA ALA A 235 3.04 -32.87 -14.33
C ALA A 235 4.25 -33.16 -15.19
N THR A 236 4.31 -32.45 -16.31
CA THR A 236 5.37 -32.58 -17.30
C THR A 236 6.13 -31.28 -17.55
N ASP A 237 7.42 -31.40 -17.81
CA ASP A 237 8.29 -30.26 -18.13
C ASP A 237 8.07 -28.90 -17.44
N ALA A 238 7.60 -27.90 -18.18
CA ALA A 238 7.39 -26.55 -17.66
C ALA A 238 6.46 -26.48 -16.47
N MET A 239 5.62 -27.51 -16.30
CA MET A 239 4.68 -27.54 -15.20
C MET A 239 5.25 -28.08 -13.89
N THR A 240 6.52 -28.48 -13.88
CA THR A 240 7.12 -29.05 -12.69
C THR A 240 7.73 -28.09 -11.67
N THR A 241 8.17 -26.91 -12.11
CA THR A 241 8.79 -25.97 -11.20
C THR A 241 7.78 -25.45 -10.16
N GLN A 242 6.75 -24.74 -10.60
CA GLN A 242 5.74 -24.25 -9.67
C GLN A 242 4.98 -25.46 -9.13
N GLY A 243 4.60 -26.36 -10.03
CA GLY A 243 3.92 -27.57 -9.62
C GLY A 243 2.52 -27.50 -9.04
N LYS A 244 1.77 -26.49 -9.42
CA LYS A 244 0.40 -26.33 -8.95
C LYS A 244 -0.50 -25.96 -10.13
N GLY A 245 0.05 -25.97 -11.35
CA GLY A 245 -0.74 -25.62 -12.51
C GLY A 245 -0.25 -24.44 -13.35
N GLN A 246 0.71 -23.67 -12.84
CA GLN A 246 1.26 -22.53 -13.57
C GLN A 246 2.50 -22.99 -14.33
N ALA A 247 2.71 -22.41 -15.51
CA ALA A 247 3.84 -22.80 -16.34
C ALA A 247 5.09 -21.96 -16.12
N ARG A 248 6.26 -22.60 -16.15
CA ARG A 248 7.55 -21.92 -15.99
C ARG A 248 8.42 -22.38 -17.18
N GLY A 249 7.99 -22.03 -18.38
CA GLY A 249 8.68 -22.44 -19.59
C GLY A 249 10.11 -22.00 -19.85
N SER A 250 10.54 -20.92 -19.21
CA SER A 250 11.90 -20.43 -19.40
C SER A 250 12.71 -20.58 -18.13
N ASP A 251 12.19 -21.38 -17.21
CA ASP A 251 12.84 -21.61 -15.94
C ASP A 251 14.27 -22.10 -16.13
N GLY A 252 15.22 -21.45 -15.48
CA GLY A 252 16.62 -21.84 -15.57
C GLY A 252 17.47 -20.96 -16.47
N SER A 253 16.84 -19.99 -17.12
CA SER A 253 17.55 -19.09 -18.01
C SER A 253 18.43 -18.18 -17.20
N SER A 254 19.48 -17.65 -17.83
CA SER A 254 20.42 -16.74 -17.18
C SER A 254 21.30 -16.15 -18.26
N SER A 255 22.05 -15.13 -17.89
CA SER A 255 22.93 -14.48 -18.84
C SER A 255 24.05 -13.74 -18.14
N PHE A 256 25.09 -13.37 -18.89
CA PHE A 256 26.20 -12.61 -18.34
C PHE A 256 26.65 -11.64 -19.41
N THR A 257 27.04 -10.46 -18.96
CA THR A 257 27.51 -9.42 -19.87
C THR A 257 28.98 -9.10 -19.60
N GLU A 258 29.72 -8.78 -20.66
CA GLU A 258 31.13 -8.44 -20.55
C GLU A 258 31.47 -7.36 -21.57
N LYS A 265 30.47 -4.21 -23.72
CA LYS A 265 29.33 -5.03 -23.21
C LYS A 265 28.66 -5.89 -24.28
N ILE A 266 28.92 -7.18 -24.19
CA ILE A 266 28.37 -8.18 -25.09
C ILE A 266 27.47 -8.99 -24.18
N ASN A 267 26.28 -9.32 -24.66
CA ASN A 267 25.35 -10.08 -23.83
C ASN A 267 25.26 -11.54 -24.26
N TYR A 268 25.49 -12.43 -23.31
CA TYR A 268 25.45 -13.86 -23.58
C TYR A 268 24.35 -14.54 -22.77
N ALA A 269 23.43 -15.21 -23.45
CA ALA A 269 22.37 -15.92 -22.77
C ALA A 269 22.87 -17.33 -22.54
N ASN A 270 23.08 -17.69 -21.28
CA ASN A 270 23.55 -19.03 -20.95
C ASN A 270 22.61 -20.14 -21.33
N LYS A 271 23.10 -21.35 -21.22
CA LYS A 271 22.31 -22.52 -21.53
C LYS A 271 21.29 -22.65 -20.41
N VAL A 272 20.03 -22.73 -20.79
CA VAL A 272 18.98 -22.85 -19.80
C VAL A 272 19.13 -24.18 -19.07
N ILE A 273 19.26 -24.12 -17.76
CA ILE A 273 19.32 -25.34 -16.99
C ILE A 273 17.83 -25.61 -16.66
N ASN A 274 17.17 -26.18 -17.65
CA ASN A 274 15.75 -26.47 -17.66
C ASN A 274 15.13 -27.39 -16.63
N ASN A 275 13.79 -27.39 -16.64
CA ASN A 275 12.98 -28.20 -15.75
C ASN A 275 12.34 -29.36 -16.51
N ASN A 276 13.01 -29.83 -17.54
CA ASN A 276 12.49 -30.96 -18.31
C ASN A 276 12.45 -32.13 -17.34
N GLY A 277 11.36 -32.87 -17.35
CA GLY A 277 11.22 -34.00 -16.44
C GLY A 277 9.75 -34.22 -16.15
N ASN A 278 9.43 -34.79 -14.99
CA ASN A 278 8.04 -35.04 -14.62
C ASN A 278 7.87 -34.98 -13.13
N MET A 279 6.62 -34.87 -12.69
CA MET A 279 6.32 -34.85 -11.28
C MET A 279 5.14 -35.74 -11.00
N TRP A 280 5.22 -36.43 -9.87
CA TRP A 280 4.15 -37.29 -9.42
C TRP A 280 3.82 -36.83 -8.05
N ARG A 281 2.53 -36.62 -7.78
CA ARG A 281 2.10 -36.21 -6.45
C ARG A 281 0.89 -37.06 -6.12
N ILE A 282 0.99 -37.75 -5.00
CA ILE A 282 -0.10 -38.61 -4.51
C ILE A 282 -0.33 -38.05 -3.13
N LEU A 283 -1.52 -37.51 -2.92
CA LEU A 283 -1.89 -36.83 -1.68
C LEU A 283 -3.19 -37.31 -1.09
N ASP A 284 -3.25 -37.34 0.23
CA ASP A 284 -4.48 -37.67 0.91
C ASP A 284 -4.53 -36.83 2.17
N HIS A 285 -5.60 -36.05 2.31
CA HIS A 285 -5.77 -35.19 3.46
C HIS A 285 -7.23 -35.12 3.80
N GLY A 286 -7.54 -34.75 5.04
CA GLY A 286 -8.94 -34.65 5.42
C GLY A 286 -9.12 -33.97 6.76
N ALA A 287 -10.38 -33.89 7.18
CA ALA A 287 -10.76 -33.28 8.44
C ALA A 287 -12.06 -33.99 8.77
N ILE A 288 -12.11 -34.56 9.96
CA ILE A 288 -13.29 -35.31 10.39
C ILE A 288 -13.51 -35.13 11.88
N SER A 289 -14.67 -35.56 12.36
CA SER A 289 -15.00 -35.48 13.77
C SER A 289 -15.12 -36.88 14.34
N LEU A 290 -14.34 -37.15 15.38
CA LEU A 290 -14.37 -38.43 16.07
C LEU A 290 -15.17 -38.23 17.35
N GLY A 291 -16.49 -38.34 17.28
CA GLY A 291 -17.29 -38.15 18.46
C GLY A 291 -17.58 -36.69 18.79
N ASP A 292 -17.89 -36.42 20.06
CA ASP A 292 -18.23 -35.07 20.49
C ASP A 292 -17.03 -34.22 20.85
N LYS A 293 -16.03 -34.81 21.52
CA LYS A 293 -14.86 -34.07 21.96
C LYS A 293 -13.64 -34.02 21.06
N TRP A 294 -13.67 -34.70 19.92
CA TRP A 294 -12.49 -34.76 19.07
C TRP A 294 -12.67 -34.45 17.63
N ASP A 295 -11.77 -33.64 17.10
CA ASP A 295 -11.76 -33.30 15.69
C ASP A 295 -10.37 -33.64 15.25
N LEU A 296 -10.18 -33.91 13.96
CA LEU A 296 -8.87 -34.28 13.47
C LEU A 296 -8.59 -33.87 12.01
N MET A 297 -7.42 -33.29 11.78
CA MET A 297 -6.98 -32.93 10.42
C MET A 297 -5.73 -33.80 10.20
N TYR A 298 -5.53 -34.27 8.97
CA TYR A 298 -4.37 -35.10 8.68
C TYR A 298 -3.92 -34.95 7.24
N VAL A 299 -2.65 -35.24 6.98
CA VAL A 299 -2.07 -35.17 5.64
C VAL A 299 -1.05 -36.28 5.48
N GLY A 300 -0.99 -36.78 4.26
CA GLY A 300 -0.04 -37.79 3.90
C GLY A 300 0.25 -37.49 2.44
N MET A 301 1.51 -37.21 2.11
CA MET A 301 1.85 -36.88 0.73
C MET A 301 3.22 -37.36 0.24
N TYR A 302 3.24 -37.84 -1.00
CA TYR A 302 4.45 -38.27 -1.64
C TYR A 302 4.56 -37.44 -2.89
N GLN A 303 5.69 -36.77 -3.06
CA GLN A 303 5.90 -35.93 -4.21
C GLN A 303 7.30 -36.17 -4.75
N ASN A 304 7.38 -36.48 -6.03
CA ASN A 304 8.65 -36.75 -6.65
C ASN A 304 8.86 -35.96 -7.93
N ILE A 305 9.82 -35.05 -7.88
CA ILE A 305 10.18 -34.23 -9.03
C ILE A 305 11.41 -34.86 -9.63
N ASP A 306 11.19 -35.54 -10.75
CA ASP A 306 12.23 -36.24 -11.48
C ASP A 306 12.69 -35.37 -12.64
N TRP A 307 13.80 -34.68 -12.46
CA TRP A 307 14.29 -33.87 -13.55
C TRP A 307 15.36 -34.59 -14.34
N ASP A 308 15.35 -34.33 -15.64
CA ASP A 308 16.32 -34.89 -16.55
C ASP A 308 17.71 -34.58 -16.00
N ASN A 309 17.91 -33.33 -15.59
CA ASN A 309 19.21 -32.91 -15.05
C ASN A 309 19.52 -33.41 -13.64
N ASN A 310 18.69 -34.28 -13.11
CA ASN A 310 18.91 -34.85 -11.77
C ASN A 310 18.94 -33.89 -10.58
N LEU A 311 18.48 -32.66 -10.77
CA LEU A 311 18.49 -31.68 -9.68
C LEU A 311 17.16 -31.65 -8.89
N GLY A 312 16.36 -32.71 -8.98
CA GLY A 312 15.07 -32.77 -8.32
C GLY A 312 15.09 -33.18 -6.85
N THR A 313 13.93 -33.63 -6.34
CA THR A 313 13.78 -34.05 -4.95
C THR A 313 12.63 -35.05 -4.80
N GLU A 314 12.75 -35.96 -3.84
CA GLU A 314 11.70 -36.93 -3.56
C GLU A 314 11.27 -36.55 -2.15
N TRP A 315 10.00 -36.22 -1.99
CA TRP A 315 9.49 -35.74 -0.72
C TRP A 315 8.30 -36.49 -0.12
N TRP A 316 8.42 -36.77 1.16
CA TRP A 316 7.41 -37.46 1.94
C TRP A 316 7.06 -36.55 3.09
N THR A 317 5.78 -36.41 3.37
CA THR A 317 5.35 -35.60 4.49
C THR A 317 4.11 -36.25 5.09
N VAL A 318 4.07 -36.31 6.41
CA VAL A 318 2.94 -36.92 7.09
C VAL A 318 2.71 -36.14 8.35
N GLY A 319 1.45 -35.85 8.64
CA GLY A 319 1.16 -35.09 9.83
C GLY A 319 -0.22 -35.34 10.32
N VAL A 320 -0.45 -34.95 11.56
CA VAL A 320 -1.72 -35.15 12.17
C VAL A 320 -1.98 -34.03 13.18
N ARG A 321 -3.23 -33.59 13.25
CA ARG A 321 -3.60 -32.51 14.16
C ARG A 321 -4.91 -32.81 14.86
N PRO A 322 -4.86 -33.46 16.01
CA PRO A 322 -6.10 -33.74 16.71
C PRO A 322 -6.49 -32.54 17.55
N MET A 323 -7.79 -32.36 17.79
CA MET A 323 -8.28 -31.25 18.58
C MET A 323 -9.23 -31.80 19.65
N TYR A 324 -8.93 -31.51 20.91
CA TYR A 324 -9.78 -31.96 22.00
C TYR A 324 -10.57 -30.77 22.49
N LYS A 325 -11.88 -30.93 22.51
CA LYS A 325 -12.77 -29.85 22.92
C LYS A 325 -13.16 -29.88 24.39
N TRP A 326 -12.47 -29.08 25.21
CA TRP A 326 -12.79 -29.02 26.63
C TRP A 326 -14.19 -28.44 26.75
N THR A 327 -14.44 -27.33 26.05
CA THR A 327 -15.74 -26.65 26.04
C THR A 327 -15.99 -26.22 24.60
N PRO A 328 -17.17 -25.67 24.30
CA PRO A 328 -17.41 -25.26 22.92
C PRO A 328 -16.46 -24.19 22.38
N ILE A 329 -15.98 -23.32 23.26
CA ILE A 329 -15.06 -22.28 22.82
C ILE A 329 -13.61 -22.43 23.27
N MET A 330 -13.26 -23.55 23.90
CA MET A 330 -11.88 -23.78 24.34
C MET A 330 -11.43 -25.19 24.01
N SER A 331 -10.23 -25.31 23.47
CA SER A 331 -9.72 -26.62 23.12
C SER A 331 -8.21 -26.69 23.25
N THR A 332 -7.69 -27.89 23.13
CA THR A 332 -6.27 -28.12 23.19
C THR A 332 -5.96 -28.80 21.88
N LEU A 333 -4.96 -28.29 21.16
CA LEU A 333 -4.57 -28.83 19.88
C LEU A 333 -3.16 -29.39 19.95
N LEU A 334 -2.91 -30.41 19.15
CA LEU A 334 -1.61 -31.03 19.05
C LEU A 334 -1.36 -31.24 17.57
N GLU A 335 -0.17 -30.89 17.14
CA GLU A 335 0.17 -31.08 15.74
C GLU A 335 1.52 -31.76 15.68
N VAL A 336 1.59 -32.87 14.95
CA VAL A 336 2.84 -33.60 14.80
C VAL A 336 3.02 -33.80 13.31
N GLY A 337 4.15 -33.33 12.80
CA GLY A 337 4.44 -33.45 11.38
C GLY A 337 5.86 -33.92 11.13
N TYR A 338 6.01 -34.77 10.11
CA TYR A 338 7.30 -35.32 9.71
C TYR A 338 7.54 -35.08 8.22
N ASP A 339 8.76 -34.65 7.89
CA ASP A 339 9.15 -34.41 6.49
C ASP A 339 10.42 -35.15 6.18
N ASN A 340 10.52 -35.70 4.98
CA ASN A 340 11.73 -36.40 4.57
C ASN A 340 11.96 -36.04 3.09
N VAL A 341 13.08 -35.39 2.80
CA VAL A 341 13.40 -34.99 1.43
C VAL A 341 14.73 -35.55 0.95
N LYS A 342 14.68 -36.32 -0.15
CA LYS A 342 15.86 -36.92 -0.73
C LYS A 342 16.28 -36.10 -1.92
N SER A 343 17.53 -35.64 -1.94
CA SER A 343 18.04 -34.87 -3.06
C SER A 343 18.23 -35.81 -4.21
N GLN A 344 17.69 -35.49 -5.37
CA GLN A 344 17.85 -36.39 -6.51
C GLN A 344 19.31 -36.40 -6.94
N GLN A 345 19.95 -35.25 -6.81
CA GLN A 345 21.34 -35.10 -7.20
C GLN A 345 22.31 -35.90 -6.34
N THR A 346 22.38 -35.60 -5.04
CA THR A 346 23.31 -36.29 -4.13
C THR A 346 22.80 -37.60 -3.56
N GLY A 347 21.49 -37.77 -3.48
CA GLY A 347 20.94 -39.00 -2.94
C GLY A 347 20.78 -38.98 -1.43
N ASP A 348 21.23 -37.90 -0.81
CA ASP A 348 21.14 -37.75 0.63
C ASP A 348 19.72 -37.38 1.05
N ARG A 349 19.45 -37.53 2.35
CA ARG A 349 18.13 -37.21 2.88
C ARG A 349 18.14 -36.21 4.03
N ASN A 350 17.13 -35.35 4.02
CA ASN A 350 16.95 -34.36 5.07
C ASN A 350 15.65 -34.74 5.74
N ASN A 351 15.61 -34.67 7.06
CA ASN A 351 14.35 -34.94 7.72
C ASN A 351 14.13 -34.06 8.93
N GLN A 352 12.87 -33.92 9.32
CA GLN A 352 12.53 -33.11 10.45
C GLN A 352 11.19 -33.52 10.98
N TYR A 353 11.03 -33.39 12.29
CA TYR A 353 9.75 -33.65 12.88
C TYR A 353 9.55 -32.56 13.88
N LYS A 354 8.34 -32.01 13.87
CA LYS A 354 8.01 -30.94 14.78
C LYS A 354 6.75 -31.32 15.52
N ILE A 355 6.74 -31.08 16.83
CA ILE A 355 5.60 -31.39 17.68
C ILE A 355 5.11 -30.06 18.25
N THR A 356 3.81 -29.79 18.15
CA THR A 356 3.26 -28.55 18.69
C THR A 356 2.08 -28.84 19.59
N LEU A 357 2.08 -28.16 20.74
CA LEU A 357 1.03 -28.27 21.75
C LEU A 357 0.46 -26.86 21.91
N ALA A 358 -0.85 -26.70 21.73
CA ALA A 358 -1.44 -25.37 21.84
C ALA A 358 -2.78 -25.34 22.54
N GLN A 359 -2.99 -24.30 23.34
CA GLN A 359 -4.26 -24.12 24.04
C GLN A 359 -4.96 -23.07 23.20
N GLN A 360 -6.24 -23.26 22.96
CA GLN A 360 -6.93 -22.34 22.09
C GLN A 360 -8.36 -21.99 22.46
N TRP A 361 -8.73 -20.74 22.15
CA TRP A 361 -10.07 -20.21 22.34
C TRP A 361 -10.50 -19.84 20.94
N GLN A 362 -11.63 -20.39 20.50
CA GLN A 362 -12.08 -20.11 19.16
C GLN A 362 -13.60 -19.88 19.08
N ALA A 363 -14.03 -19.19 18.03
CA ALA A 363 -15.43 -18.87 17.83
C ALA A 363 -16.17 -20.02 17.20
N GLY A 364 -16.38 -21.09 17.97
CA GLY A 364 -17.08 -22.26 17.46
C GLY A 364 -16.43 -23.52 17.97
N ASP A 365 -17.09 -24.67 17.80
CA ASP A 365 -16.53 -25.94 18.29
C ASP A 365 -15.93 -26.80 17.18
N SER A 366 -15.41 -26.17 16.14
CA SER A 366 -14.84 -26.93 15.06
C SER A 366 -13.35 -26.67 14.92
N ILE A 367 -12.66 -27.62 14.33
CA ILE A 367 -11.23 -27.50 14.10
C ILE A 367 -11.08 -26.40 13.02
N TRP A 368 -12.18 -26.11 12.33
CA TRP A 368 -12.23 -25.07 11.29
C TRP A 368 -12.73 -23.72 11.79
N SER A 369 -13.16 -23.63 13.04
CA SER A 369 -13.67 -22.36 13.55
C SER A 369 -12.59 -21.31 13.70
N ARG A 370 -12.89 -20.10 13.23
CA ARG A 370 -11.99 -18.94 13.35
C ARG A 370 -12.91 -17.75 13.65
N PRO A 371 -12.41 -16.70 14.34
CA PRO A 371 -11.07 -16.49 14.88
C PRO A 371 -10.67 -17.50 15.93
N ALA A 372 -9.37 -17.49 16.24
CA ALA A 372 -8.82 -18.38 17.24
C ALA A 372 -7.64 -17.66 17.87
N ILE A 373 -7.49 -17.77 19.18
CA ILE A 373 -6.37 -17.16 19.87
C ILE A 373 -5.67 -18.35 20.51
N ARG A 374 -4.37 -18.50 20.25
CA ARG A 374 -3.60 -19.62 20.74
C ARG A 374 -2.40 -19.26 21.54
N ILE A 375 -2.02 -20.18 22.42
CA ILE A 375 -0.81 -20.05 23.19
C ILE A 375 -0.22 -21.42 22.88
N PHE A 376 1.01 -21.44 22.39
CA PHE A 376 1.61 -22.69 21.99
C PHE A 376 3.06 -22.81 22.41
N ALA A 377 3.57 -24.03 22.25
CA ALA A 377 4.97 -24.37 22.53
C ALA A 377 5.27 -25.34 21.40
N THR A 378 6.35 -25.09 20.67
CA THR A 378 6.74 -25.94 19.55
C THR A 378 8.14 -26.48 19.76
N TYR A 379 8.35 -27.72 19.31
CA TYR A 379 9.66 -28.36 19.37
C TYR A 379 9.93 -28.99 18.02
N ALA A 380 11.12 -28.79 17.50
CA ALA A 380 11.47 -29.34 16.21
C ALA A 380 12.88 -29.91 16.28
N LYS A 381 13.05 -31.08 15.68
CA LYS A 381 14.33 -31.75 15.63
C LYS A 381 14.55 -32.06 14.17
N TRP A 382 15.73 -31.75 13.67
CA TRP A 382 16.03 -32.03 12.27
C TRP A 382 17.44 -32.56 12.10
N ASP A 383 17.61 -33.31 11.03
CA ASP A 383 18.90 -33.88 10.70
C ASP A 383 19.01 -33.75 9.20
N GLU A 384 19.68 -32.70 8.75
CA GLU A 384 19.82 -32.47 7.32
C GLU A 384 21.20 -32.84 6.81
N LYS A 385 21.22 -33.81 5.90
CA LYS A 385 22.46 -34.29 5.33
C LYS A 385 22.92 -33.52 4.09
N TRP A 386 22.01 -32.82 3.44
CA TRP A 386 22.36 -32.04 2.25
C TRP A 386 21.72 -30.64 2.32
N GLY A 387 22.07 -29.81 1.36
CA GLY A 387 21.53 -28.46 1.30
C GLY A 387 21.89 -27.89 -0.06
N TYR A 388 21.26 -26.79 -0.44
CA TYR A 388 21.57 -26.20 -1.72
C TYR A 388 22.83 -25.39 -1.54
N ILE A 389 23.68 -25.44 -2.54
CA ILE A 389 24.94 -24.74 -2.50
C ILE A 389 24.69 -23.25 -2.41
N LYS A 390 25.09 -22.68 -1.28
CA LYS A 390 24.90 -21.27 -1.05
C LYS A 390 26.02 -20.50 -1.71
N ASP A 391 25.72 -19.92 -2.86
CA ASP A 391 26.69 -19.13 -3.61
C ASP A 391 26.72 -17.70 -3.02
N GLY A 392 27.15 -17.60 -1.77
CA GLY A 392 27.22 -16.31 -1.10
C GLY A 392 25.90 -15.56 -1.09
N ASP A 393 25.06 -15.83 -0.09
CA ASP A 393 23.75 -15.19 0.06
C ASP A 393 22.74 -15.69 -0.97
N ASN A 394 23.24 -16.13 -2.11
CA ASN A 394 22.41 -16.66 -3.20
C ASN A 394 22.40 -18.18 -3.09
N ILE A 395 21.20 -18.77 -3.18
CA ILE A 395 21.06 -20.21 -3.11
C ILE A 395 21.02 -20.74 -4.54
N SER A 396 21.81 -21.77 -4.80
CA SER A 396 21.90 -22.40 -6.11
C SER A 396 20.95 -23.58 -6.28
N ARG A 397 20.82 -24.07 -7.52
CA ARG A 397 19.96 -25.21 -7.82
C ARG A 397 20.68 -26.49 -7.45
N TYR A 398 21.99 -26.40 -7.33
CA TYR A 398 22.81 -27.55 -7.01
C TYR A 398 22.90 -27.81 -5.53
N ALA A 399 22.88 -29.09 -5.17
CA ALA A 399 22.96 -29.51 -3.78
C ALA A 399 24.36 -30.05 -3.49
N ALA A 400 24.69 -30.18 -2.20
CA ALA A 400 25.98 -30.70 -1.77
C ALA A 400 25.77 -31.25 -0.38
N ALA A 401 26.45 -32.35 -0.05
CA ALA A 401 26.33 -32.93 1.27
C ALA A 401 26.91 -31.92 2.25
N THR A 402 26.31 -31.83 3.44
CA THR A 402 26.77 -30.88 4.44
C THR A 402 28.24 -31.13 4.79
N ASN A 403 28.61 -32.41 4.90
CA ASN A 403 29.97 -32.79 5.26
C ASN A 403 31.01 -32.41 4.22
N SER A 404 30.60 -32.29 2.95
CA SER A 404 31.53 -31.89 1.92
C SER A 404 31.87 -30.47 2.33
N GLY A 405 33.10 -30.03 2.12
CA GLY A 405 33.46 -28.69 2.53
C GLY A 405 32.70 -27.54 1.88
N ILE A 406 31.77 -27.88 0.99
CA ILE A 406 30.99 -26.88 0.28
C ILE A 406 29.93 -26.21 1.16
N SER A 407 29.78 -24.91 0.92
CA SER A 407 28.83 -24.08 1.65
C SER A 407 27.40 -24.30 1.13
N THR A 408 26.52 -24.79 1.98
CA THR A 408 25.14 -25.04 1.60
C THR A 408 24.21 -24.35 2.61
N ASN A 409 22.92 -24.30 2.29
CA ASN A 409 21.94 -23.69 3.20
C ASN A 409 21.37 -24.72 4.18
N SER A 410 22.08 -25.83 4.35
CA SER A 410 21.67 -26.89 5.26
C SER A 410 21.71 -26.44 6.71
N ARG A 411 20.77 -26.95 7.50
CA ARG A 411 20.63 -26.61 8.91
C ARG A 411 21.33 -27.59 9.84
N GLY A 412 21.98 -28.59 9.25
CA GLY A 412 22.69 -29.56 10.05
C GLY A 412 21.81 -30.47 10.88
N ASP A 413 22.35 -30.90 12.00
CA ASP A 413 21.65 -31.78 12.94
C ASP A 413 21.41 -30.95 14.20
N SER A 414 20.15 -30.67 14.50
CA SER A 414 19.89 -29.86 15.68
C SER A 414 18.50 -29.92 16.28
N ASP A 415 18.29 -29.02 17.21
CA ASP A 415 17.09 -28.94 18.01
C ASP A 415 16.69 -27.52 18.28
N GLU A 416 15.39 -27.31 18.51
CA GLU A 416 14.91 -25.98 18.89
C GLU A 416 13.47 -26.03 19.33
N TRP A 417 13.12 -25.11 20.22
CA TRP A 417 11.74 -25.04 20.69
C TRP A 417 11.39 -23.57 20.79
N THR A 418 10.14 -23.25 20.48
CA THR A 418 9.66 -21.87 20.52
C THR A 418 8.33 -21.88 21.22
N PHE A 419 7.78 -20.70 21.46
CA PHE A 419 6.50 -20.58 22.11
C PHE A 419 5.99 -19.17 21.97
N GLY A 420 4.69 -18.98 22.11
CA GLY A 420 4.12 -17.66 22.01
C GLY A 420 2.63 -17.67 21.88
N ALA A 421 2.07 -16.53 21.47
CA ALA A 421 0.63 -16.39 21.28
C ALA A 421 0.38 -15.98 19.84
N GLN A 422 -0.79 -16.32 19.31
CA GLN A 422 -1.09 -15.98 17.94
C GLN A 422 -2.57 -16.02 17.66
N MET A 423 -3.02 -15.21 16.71
CA MET A 423 -4.42 -15.20 16.33
C MET A 423 -4.44 -15.56 14.86
N GLU A 424 -5.53 -16.17 14.42
CA GLU A 424 -5.72 -16.50 13.02
C GLU A 424 -7.19 -16.34 12.80
N ILE A 425 -7.57 -15.77 11.65
CA ILE A 425 -8.97 -15.57 11.37
C ILE A 425 -9.26 -15.49 9.90
N TRP A 426 -10.42 -15.97 9.51
CA TRP A 426 -10.89 -15.79 8.14
C TRP A 426 -12.35 -15.38 8.34
N TRP A 427 -12.78 -14.36 7.60
CA TRP A 427 -14.13 -13.84 7.77
C TRP A 427 -14.71 -13.53 6.40
N VAL B 1 -20.42 2.94 5.92
CA VAL B 1 -19.29 3.33 5.06
C VAL B 1 -19.71 3.22 3.59
N ASP B 2 -19.36 4.23 2.80
CA ASP B 2 -19.66 4.26 1.37
C ASP B 2 -18.47 3.73 0.60
N PHE B 3 -18.69 2.71 -0.21
CA PHE B 3 -17.64 2.10 -0.98
C PHE B 3 -17.89 2.46 -2.44
N HIS B 4 -16.90 3.08 -3.06
CA HIS B 4 -16.99 3.50 -4.44
C HIS B 4 -15.64 3.41 -5.09
N GLY B 5 -15.59 3.57 -6.40
CA GLY B 5 -14.32 3.52 -7.07
C GLY B 5 -14.39 3.23 -8.55
N TYR B 6 -13.29 2.72 -9.09
CA TYR B 6 -13.18 2.38 -10.50
C TYR B 6 -12.13 1.30 -10.57
N ALA B 7 -12.24 0.42 -11.54
CA ALA B 7 -11.26 -0.64 -11.71
C ALA B 7 -11.36 -1.24 -13.08
N ARG B 8 -10.22 -1.70 -13.60
CA ARG B 8 -10.19 -2.39 -14.89
C ARG B 8 -9.10 -3.42 -14.73
N SER B 9 -9.32 -4.61 -15.30
CA SER B 9 -8.37 -5.71 -15.21
C SER B 9 -8.71 -6.73 -16.31
N GLY B 10 -7.71 -7.40 -16.87
CA GLY B 10 -7.97 -8.36 -17.92
C GLY B 10 -6.72 -9.12 -18.31
N ILE B 11 -6.82 -9.95 -19.34
CA ILE B 11 -5.70 -10.75 -19.85
C ILE B 11 -5.75 -10.56 -21.36
N GLY B 12 -4.59 -10.40 -22.00
CA GLY B 12 -4.60 -10.20 -23.43
C GLY B 12 -3.43 -10.86 -24.14
N TRP B 13 -3.51 -10.92 -25.47
CA TRP B 13 -2.48 -11.53 -26.30
C TRP B 13 -2.23 -10.67 -27.52
N THR B 14 -1.01 -10.68 -28.02
CA THR B 14 -0.65 -9.95 -29.23
C THR B 14 -0.59 -10.97 -30.35
N GLY B 15 -1.18 -10.63 -31.49
CA GLY B 15 -1.22 -11.53 -32.61
C GLY B 15 0.08 -12.22 -32.93
N SER B 16 1.14 -11.42 -33.05
CA SER B 16 2.47 -11.95 -33.36
C SER B 16 3.17 -12.69 -32.22
N GLY B 17 2.59 -12.68 -31.03
CA GLY B 17 3.19 -13.38 -29.91
C GLY B 17 3.29 -12.62 -28.61
N GLY B 18 3.16 -13.37 -27.51
CA GLY B 18 3.25 -12.83 -26.17
C GLY B 18 2.06 -12.05 -25.68
N GLU B 19 2.27 -11.38 -24.55
CA GLU B 19 1.27 -10.55 -23.89
C GLU B 19 0.70 -9.50 -24.80
N GLN B 20 -0.44 -8.97 -24.40
CA GLN B 20 -1.11 -7.91 -25.14
C GLN B 20 -0.21 -6.68 -25.13
N GLN B 21 -0.24 -5.92 -26.23
CA GLN B 21 0.54 -4.70 -26.37
C GLN B 21 -0.45 -3.61 -26.66
N CYS B 22 -0.18 -2.41 -26.14
CA CYS B 22 -1.10 -1.29 -26.33
C CYS B 22 -0.56 -0.25 -27.29
N PHE B 23 -1.45 0.30 -28.11
CA PHE B 23 -1.06 1.23 -29.14
C PHE B 23 -1.38 2.70 -28.96
N GLN B 24 -0.33 3.53 -28.86
CA GLN B 24 -0.48 4.98 -28.72
C GLN B 24 0.49 5.71 -29.64
N ALA B 25 -0.04 6.63 -30.44
CA ALA B 25 0.76 7.41 -31.37
C ALA B 25 1.78 8.27 -30.61
N THR B 26 3.04 8.20 -31.05
CA THR B 26 4.12 9.00 -30.45
C THR B 26 3.78 10.48 -30.65
N GLY B 27 3.74 11.22 -29.56
CA GLY B 27 3.40 12.63 -29.65
C GLY B 27 1.99 12.88 -29.17
N ALA B 28 1.14 11.86 -29.25
CA ALA B 28 -0.24 12.00 -28.81
C ALA B 28 -0.27 11.86 -27.29
N GLN B 29 -1.15 12.61 -26.64
CA GLN B 29 -1.28 12.55 -25.19
C GLN B 29 -2.32 11.51 -24.73
N SER B 30 -2.80 10.68 -25.65
CA SER B 30 -3.80 9.68 -25.30
C SER B 30 -3.92 8.58 -26.35
N LYS B 31 -4.76 7.59 -26.06
CA LYS B 31 -4.99 6.50 -26.99
C LYS B 31 -6.42 6.09 -26.82
N TYR B 32 -6.96 5.46 -27.86
CA TYR B 32 -8.33 4.99 -27.83
C TYR B 32 -8.28 3.72 -26.98
N ARG B 33 -8.92 3.77 -25.81
CA ARG B 33 -8.88 2.69 -24.83
C ARG B 33 -9.53 1.34 -25.00
N LEU B 34 -10.67 1.26 -25.69
CA LEU B 34 -11.34 -0.03 -25.84
C LEU B 34 -10.37 -1.10 -26.38
N GLY B 35 -10.16 -2.14 -25.60
CA GLY B 35 -9.27 -3.21 -26.01
C GLY B 35 -7.88 -2.68 -26.30
N ASN B 36 -7.49 -1.68 -25.53
CA ASN B 36 -6.21 -1.05 -25.70
C ASN B 36 -5.69 -0.54 -24.35
N GLU B 37 -5.94 -1.32 -23.29
CA GLU B 37 -5.50 -1.03 -21.94
C GLU B 37 -4.71 -2.24 -21.46
N CYS B 38 -3.47 -2.00 -21.07
CA CYS B 38 -2.56 -3.06 -20.67
C CYS B 38 -2.19 -3.15 -19.19
N GLU B 39 -3.02 -2.62 -18.30
CA GLU B 39 -2.72 -2.73 -16.88
C GLU B 39 -4.00 -2.87 -16.08
N THR B 40 -3.83 -3.31 -14.82
CA THR B 40 -4.93 -3.43 -13.88
C THR B 40 -4.79 -2.15 -13.08
N TYR B 41 -5.83 -1.33 -13.11
CA TYR B 41 -5.82 -0.09 -12.37
C TYR B 41 -7.09 -0.06 -11.54
N ALA B 42 -6.98 0.33 -10.28
CA ALA B 42 -8.15 0.40 -9.41
C ALA B 42 -8.03 1.51 -8.39
N GLU B 43 -9.15 2.20 -8.15
CA GLU B 43 -9.22 3.26 -7.15
C GLU B 43 -10.30 2.80 -6.18
N LEU B 44 -9.90 2.60 -4.93
CA LEU B 44 -10.81 2.15 -3.92
C LEU B 44 -11.12 3.30 -2.99
N LYS B 45 -12.35 3.78 -3.05
CA LYS B 45 -12.78 4.89 -2.22
C LYS B 45 -13.68 4.45 -1.08
N LEU B 46 -13.37 4.92 0.11
CA LEU B 46 -14.16 4.64 1.29
C LEU B 46 -14.46 6.01 1.88
N GLY B 47 -15.74 6.37 1.99
CA GLY B 47 -16.08 7.66 2.53
C GLY B 47 -17.29 7.53 3.44
N GLN B 48 -17.73 8.63 4.04
CA GLN B 48 -18.85 8.58 4.95
C GLN B 48 -19.35 9.97 5.30
N GLU B 49 -20.66 10.11 5.42
CA GLU B 49 -21.25 11.39 5.83
C GLU B 49 -21.15 11.31 7.34
N VAL B 50 -20.12 11.92 7.89
CA VAL B 50 -19.87 11.84 9.32
C VAL B 50 -20.71 12.71 10.24
N TRP B 51 -21.54 13.59 9.70
CA TRP B 51 -22.36 14.43 10.56
C TRP B 51 -23.39 15.11 9.73
N LYS B 52 -24.59 15.20 10.29
CA LYS B 52 -25.70 15.83 9.62
C LYS B 52 -26.62 16.37 10.69
N GLU B 53 -26.99 17.63 10.54
CA GLU B 53 -27.88 18.28 11.48
C GLU B 53 -28.68 19.28 10.66
N GLY B 54 -29.82 18.83 10.16
CA GLY B 54 -30.65 19.69 9.36
C GLY B 54 -30.16 19.67 7.94
N ASP B 55 -29.82 20.84 7.41
CA ASP B 55 -29.33 20.97 6.05
C ASP B 55 -27.80 20.96 6.03
N LYS B 56 -27.19 20.90 7.22
CA LYS B 56 -25.75 20.93 7.34
C LYS B 56 -25.21 19.53 7.44
N SER B 57 -24.07 19.28 6.80
CA SER B 57 -23.45 17.97 6.87
C SER B 57 -21.95 18.02 6.54
N PHE B 58 -21.24 16.99 6.97
CA PHE B 58 -19.82 16.87 6.73
C PHE B 58 -19.59 15.53 6.07
N TYR B 59 -18.97 15.53 4.91
CA TYR B 59 -18.71 14.26 4.27
C TYR B 59 -17.21 14.06 4.23
N PHE B 60 -16.77 12.86 4.57
CA PHE B 60 -15.35 12.52 4.57
C PHE B 60 -15.13 11.56 3.42
N ASP B 61 -14.10 11.77 2.60
CA ASP B 61 -13.86 10.91 1.47
C ASP B 61 -12.39 10.59 1.31
N THR B 62 -12.07 9.38 0.84
CA THR B 62 -10.69 8.98 0.62
C THR B 62 -10.57 8.26 -0.72
N ASN B 63 -9.33 7.98 -1.13
CA ASN B 63 -9.07 7.29 -2.41
C ASN B 63 -7.65 6.76 -2.43
N VAL B 64 -7.51 5.45 -2.53
CA VAL B 64 -6.22 4.77 -2.59
C VAL B 64 -6.19 4.09 -3.94
N ALA B 65 -5.22 4.47 -4.77
CA ALA B 65 -5.13 3.93 -6.12
C ALA B 65 -4.01 2.93 -6.30
N TYR B 66 -4.31 1.87 -7.05
CA TYR B 66 -3.36 0.80 -7.32
C TYR B 66 -3.20 0.57 -8.83
N SER B 67 -1.96 0.45 -9.25
CA SER B 67 -1.65 0.19 -10.64
C SER B 67 -0.64 -0.95 -10.66
N VAL B 68 -1.01 -2.09 -11.24
CA VAL B 68 -0.14 -3.26 -11.35
C VAL B 68 -0.18 -3.73 -12.81
N ASN B 69 0.87 -4.42 -13.25
CA ASN B 69 0.95 -4.86 -14.64
C ASN B 69 0.19 -6.10 -15.02
N GLN B 70 -0.59 -6.64 -14.10
CA GLN B 70 -1.37 -7.83 -14.36
C GLN B 70 -0.61 -8.91 -15.13
N GLN B 71 0.57 -9.24 -14.63
CA GLN B 71 1.39 -10.27 -15.25
C GLN B 71 1.68 -11.45 -14.30
N ASN B 72 1.12 -11.39 -13.09
CA ASN B 72 1.26 -12.44 -12.08
C ASN B 72 0.21 -12.24 -10.99
N ASP B 73 0.03 -13.24 -10.14
CA ASP B 73 -0.91 -13.16 -9.02
C ASP B 73 -0.33 -12.13 -8.02
N TRP B 74 0.74 -12.49 -7.32
CA TRP B 74 1.36 -11.58 -6.36
C TRP B 74 2.11 -10.47 -7.08
N GLU B 75 1.57 -9.27 -7.03
CA GLU B 75 2.25 -8.14 -7.64
C GLU B 75 2.26 -7.03 -6.62
N SER B 76 3.43 -6.77 -6.05
CA SER B 76 3.58 -5.71 -5.07
C SER B 76 3.53 -4.37 -5.78
N THR B 77 3.14 -3.32 -5.06
CA THR B 77 3.05 -1.99 -5.65
C THR B 77 3.08 -0.93 -4.57
N ASP B 78 3.27 0.31 -4.98
CA ASP B 78 3.25 1.42 -4.05
C ASP B 78 1.97 2.17 -4.39
N PRO B 79 0.93 1.98 -3.56
CA PRO B 79 -0.35 2.66 -3.81
C PRO B 79 -0.21 4.17 -3.72
N ALA B 80 -1.05 4.89 -4.45
CA ALA B 80 -1.03 6.34 -4.42
C ALA B 80 -2.16 6.79 -3.54
N PHE B 81 -1.87 7.55 -2.48
CA PHE B 81 -2.95 8.02 -1.62
C PHE B 81 -3.42 9.30 -2.28
N ARG B 82 -4.42 9.19 -3.14
CA ARG B 82 -4.88 10.33 -3.90
C ARG B 82 -5.90 11.29 -3.33
N GLU B 83 -6.78 10.83 -2.45
CA GLU B 83 -7.78 11.74 -1.87
C GLU B 83 -7.93 11.51 -0.40
N ALA B 84 -8.22 12.58 0.31
CA ALA B 84 -8.45 12.57 1.75
C ALA B 84 -8.89 13.99 2.04
N ASN B 85 -10.20 14.22 1.99
CA ASN B 85 -10.75 15.57 2.22
C ASN B 85 -12.06 15.52 2.95
N VAL B 86 -12.45 16.67 3.49
CA VAL B 86 -13.71 16.82 4.21
C VAL B 86 -14.46 17.95 3.50
N GLN B 87 -15.77 17.76 3.30
CA GLN B 87 -16.62 18.75 2.66
C GLN B 87 -17.76 19.08 3.58
N GLY B 88 -17.94 20.36 3.90
CA GLY B 88 -19.01 20.77 4.78
C GLY B 88 -20.01 21.55 3.99
N LYS B 89 -21.22 21.01 3.87
CA LYS B 89 -22.28 21.67 3.13
C LYS B 89 -23.13 22.56 4.01
N ASN B 90 -23.48 23.71 3.48
CA ASN B 90 -24.32 24.67 4.19
C ASN B 90 -23.81 25.17 5.49
N LEU B 91 -22.50 25.30 5.63
CA LEU B 91 -21.96 25.78 6.89
C LEU B 91 -21.92 27.31 6.93
N ILE B 92 -21.81 27.93 5.77
CA ILE B 92 -21.74 29.38 5.67
C ILE B 92 -23.13 29.94 5.42
N GLU B 93 -23.73 30.49 6.48
CA GLU B 93 -25.08 31.05 6.44
C GLU B 93 -25.37 32.01 5.28
N TRP B 94 -24.48 32.97 5.09
CA TRP B 94 -24.64 33.97 4.03
C TRP B 94 -24.32 33.49 2.63
N LEU B 95 -23.86 32.25 2.50
CA LEU B 95 -23.56 31.66 1.19
C LEU B 95 -24.29 30.33 1.19
N PRO B 96 -25.63 30.39 1.29
CA PRO B 96 -26.46 29.18 1.31
C PRO B 96 -26.19 28.24 0.14
N GLY B 97 -26.05 26.96 0.46
CA GLY B 97 -25.78 25.95 -0.56
C GLY B 97 -24.32 25.70 -0.90
N SER B 98 -23.45 26.65 -0.57
CA SER B 98 -22.04 26.51 -0.86
C SER B 98 -21.45 25.41 0.00
N THR B 99 -20.35 24.84 -0.46
CA THR B 99 -19.66 23.76 0.23
C THR B 99 -18.22 24.19 0.42
N ILE B 100 -17.70 24.10 1.64
CA ILE B 100 -16.30 24.45 1.86
C ILE B 100 -15.59 23.13 2.01
N TRP B 101 -14.37 23.04 1.54
CA TRP B 101 -13.64 21.78 1.64
C TRP B 101 -12.15 22.02 1.71
N ALA B 102 -11.43 21.02 2.19
CA ALA B 102 -9.98 21.08 2.29
C ALA B 102 -9.45 19.66 2.34
N GLY B 103 -8.29 19.44 1.72
CA GLY B 103 -7.65 18.13 1.69
C GLY B 103 -7.32 17.73 0.27
N LYS B 104 -6.75 16.56 0.08
CA LYS B 104 -6.44 16.10 -1.26
C LYS B 104 -7.77 15.76 -1.87
N ARG B 105 -8.01 16.24 -3.08
CA ARG B 105 -9.27 15.97 -3.72
C ARG B 105 -9.26 15.98 -5.23
N PHE B 106 -10.04 15.08 -5.83
CA PHE B 106 -10.21 15.05 -7.29
C PHE B 106 -11.24 16.18 -7.53
N TYR B 107 -10.75 17.39 -7.81
CA TYR B 107 -11.64 18.54 -7.98
C TYR B 107 -12.23 18.80 -9.37
N GLN B 108 -13.55 18.65 -9.47
CA GLN B 108 -14.30 18.86 -10.71
C GLN B 108 -13.52 18.57 -11.99
N ARG B 109 -13.12 17.32 -12.15
CA ARG B 109 -12.35 16.91 -13.32
C ARG B 109 -13.24 16.76 -14.53
N HIS B 110 -12.72 17.15 -15.70
CA HIS B 110 -13.45 17.04 -16.96
C HIS B 110 -12.61 16.14 -17.86
N ASP B 111 -13.23 15.11 -18.43
CA ASP B 111 -12.50 14.16 -19.26
C ASP B 111 -13.34 13.62 -20.41
N VAL B 112 -12.68 12.92 -21.34
CA VAL B 112 -13.34 12.30 -22.48
C VAL B 112 -13.13 10.81 -22.24
N HIS B 113 -14.17 10.10 -21.83
CA HIS B 113 -14.04 8.70 -21.51
C HIS B 113 -13.30 7.81 -22.50
N MET B 114 -13.72 7.82 -23.77
CA MET B 114 -13.09 6.91 -24.72
C MET B 114 -11.61 7.00 -24.94
N ILE B 115 -10.99 8.15 -24.66
CA ILE B 115 -9.56 8.27 -24.86
C ILE B 115 -8.90 8.44 -23.49
N ASP B 116 -9.69 8.37 -22.43
CA ASP B 116 -9.22 8.52 -21.05
C ASP B 116 -8.36 9.77 -20.95
N PHE B 117 -8.86 10.86 -21.51
CA PHE B 117 -8.15 12.12 -21.54
C PHE B 117 -8.84 13.15 -20.67
N TYR B 118 -8.12 13.66 -19.68
CA TYR B 118 -8.64 14.70 -18.80
C TYR B 118 -8.17 16.02 -19.39
N TYR B 119 -9.09 16.93 -19.67
CA TYR B 119 -8.71 18.20 -20.22
C TYR B 119 -8.83 19.36 -19.23
N TRP B 120 -9.29 19.06 -18.02
CA TRP B 120 -9.41 20.08 -16.99
C TRP B 120 -9.33 19.31 -15.68
N ASP B 121 -8.15 19.32 -15.07
CA ASP B 121 -7.91 18.57 -13.86
C ASP B 121 -6.86 19.25 -12.99
N ILE B 122 -7.31 20.00 -11.98
CA ILE B 122 -6.37 20.67 -11.08
C ILE B 122 -6.30 19.91 -9.74
N SER B 123 -6.73 18.64 -9.76
CA SER B 123 -6.73 17.79 -8.56
C SER B 123 -5.41 17.82 -7.79
N GLY B 124 -5.49 17.66 -6.49
CA GLY B 124 -4.30 17.63 -5.67
C GLY B 124 -4.65 18.19 -4.32
N PRO B 125 -3.65 18.48 -3.48
CA PRO B 125 -3.92 19.03 -2.15
C PRO B 125 -4.53 20.39 -2.41
N GLY B 126 -5.60 20.75 -1.72
CA GLY B 126 -6.18 22.06 -1.95
C GLY B 126 -7.26 22.43 -0.95
N ALA B 127 -7.98 23.48 -1.26
CA ALA B 127 -9.08 23.93 -0.42
C ALA B 127 -9.88 24.89 -1.31
N GLY B 128 -11.09 25.23 -0.91
CA GLY B 128 -11.89 26.15 -1.69
C GLY B 128 -13.32 26.18 -1.22
N ILE B 129 -14.18 26.85 -1.97
CA ILE B 129 -15.60 26.93 -1.65
C ILE B 129 -16.32 26.84 -2.98
N GLU B 130 -17.20 25.85 -3.11
CA GLU B 130 -17.90 25.68 -4.35
C GLU B 130 -19.39 25.87 -4.23
N ASN B 131 -20.02 26.04 -5.38
CA ASN B 131 -21.45 26.24 -5.53
C ASN B 131 -22.04 27.43 -4.81
N ILE B 132 -21.39 28.57 -4.96
CA ILE B 132 -21.89 29.80 -4.39
C ILE B 132 -22.95 30.21 -5.40
N ASP B 133 -24.21 30.28 -4.96
CA ASP B 133 -25.30 30.62 -5.86
C ASP B 133 -25.35 32.08 -6.22
N LEU B 134 -25.23 32.38 -7.52
CA LEU B 134 -25.27 33.74 -8.04
C LEU B 134 -26.61 34.03 -8.72
N GLY B 135 -27.54 33.07 -8.64
CA GLY B 135 -28.83 33.26 -9.26
C GLY B 135 -28.77 32.81 -10.69
N PHE B 136 -27.98 33.49 -11.51
CA PHE B 136 -27.85 33.13 -12.91
C PHE B 136 -26.78 32.07 -13.14
N GLY B 137 -26.13 31.61 -12.08
CA GLY B 137 -25.07 30.61 -12.22
C GLY B 137 -24.47 30.23 -10.89
N LYS B 138 -23.57 29.27 -10.88
CA LYS B 138 -22.93 28.84 -9.65
C LYS B 138 -21.47 29.17 -9.73
N LEU B 139 -20.94 29.79 -8.68
CA LEU B 139 -19.54 30.20 -8.62
C LEU B 139 -18.72 29.35 -7.67
N SER B 140 -17.56 28.91 -8.12
CA SER B 140 -16.67 28.10 -7.29
C SER B 140 -15.26 28.65 -7.32
N LEU B 141 -14.60 28.67 -6.18
CA LEU B 141 -13.24 29.16 -6.08
C LEU B 141 -12.39 28.09 -5.43
N ALA B 142 -11.18 27.89 -5.91
CA ALA B 142 -10.31 26.88 -5.32
C ALA B 142 -8.86 27.17 -5.57
N ALA B 143 -8.01 26.61 -4.72
CA ALA B 143 -6.58 26.75 -4.83
C ALA B 143 -6.04 25.36 -4.60
N THR B 144 -5.24 24.87 -5.52
CA THR B 144 -4.63 23.54 -5.37
C THR B 144 -3.13 23.64 -5.60
N ARG B 145 -2.40 22.58 -5.32
CA ARG B 145 -0.97 22.59 -5.49
C ARG B 145 -0.43 21.37 -6.20
N SER B 146 0.69 21.56 -6.88
CA SER B 146 1.42 20.48 -7.55
C SER B 146 2.89 20.90 -7.34
N THR B 147 3.83 19.96 -7.39
CA THR B 147 5.23 20.35 -7.25
C THR B 147 6.06 19.64 -8.30
N GLU B 148 7.08 20.34 -8.77
CA GLU B 148 7.96 19.82 -9.78
C GLU B 148 9.24 19.38 -9.10
N ALA B 149 9.94 18.46 -9.73
CA ALA B 149 11.19 17.98 -9.18
C ALA B 149 12.27 19.03 -9.48
N GLY B 150 12.97 19.46 -8.44
CA GLY B 150 14.04 20.45 -8.59
C GLY B 150 13.50 21.78 -9.07
N GLY B 151 14.35 22.55 -9.73
CA GLY B 151 13.88 23.85 -10.22
C GLY B 151 14.15 25.01 -9.31
N SER B 152 14.34 24.77 -8.01
CA SER B 152 14.63 25.86 -7.08
C SER B 152 16.07 25.68 -6.58
N TYR B 153 16.89 26.71 -6.80
CA TYR B 153 18.29 26.67 -6.40
C TYR B 153 18.71 27.85 -5.55
N THR B 154 19.67 27.61 -4.67
CA THR B 154 20.24 28.66 -3.84
C THR B 154 21.55 29.04 -4.55
N PHE B 155 21.47 30.01 -5.45
CA PHE B 155 22.64 30.43 -6.20
C PHE B 155 23.67 31.21 -5.39
N SER B 156 24.94 30.79 -5.48
CA SER B 156 26.03 31.45 -4.80
C SER B 156 26.61 32.56 -5.70
N SER B 157 26.88 32.21 -6.95
CA SER B 157 27.41 33.18 -7.91
C SER B 157 27.07 32.67 -9.29
N GLN B 158 26.55 33.55 -10.14
CA GLN B 158 26.19 33.19 -11.51
C GLN B 158 25.14 32.09 -11.45
N ASN B 159 25.38 30.98 -12.16
CA ASN B 159 24.46 29.86 -12.18
C ASN B 159 25.01 28.68 -11.40
N ILE B 160 25.88 28.97 -10.45
CA ILE B 160 26.47 27.95 -9.61
C ILE B 160 25.62 28.00 -8.36
N TYR B 161 25.17 26.84 -7.87
CA TYR B 161 24.33 26.79 -6.68
C TYR B 161 24.82 25.81 -5.61
N ASP B 162 24.36 26.03 -4.39
CA ASP B 162 24.71 25.18 -3.26
C ASP B 162 23.69 24.06 -3.12
N GLU B 163 22.40 24.42 -3.12
CA GLU B 163 21.32 23.46 -2.95
C GLU B 163 20.19 23.61 -3.97
N VAL B 164 19.48 22.51 -4.18
CA VAL B 164 18.33 22.45 -5.07
C VAL B 164 17.16 22.15 -4.16
N LYS B 165 15.96 22.25 -4.71
CA LYS B 165 14.76 21.97 -3.95
C LYS B 165 13.65 21.78 -4.96
N ASP B 166 12.60 21.07 -4.56
CA ASP B 166 11.46 20.87 -5.43
C ASP B 166 10.67 22.18 -5.44
N THR B 167 10.10 22.51 -6.59
CA THR B 167 9.37 23.75 -6.75
C THR B 167 7.87 23.57 -6.71
N ALA B 168 7.23 24.23 -5.75
CA ALA B 168 5.78 24.15 -5.59
C ALA B 168 5.15 25.08 -6.59
N ASN B 169 4.04 24.65 -7.18
CA ASN B 169 3.29 25.44 -8.16
C ASN B 169 1.88 25.58 -7.64
N ASP B 170 1.42 26.82 -7.47
CA ASP B 170 0.07 27.09 -6.99
C ASP B 170 -0.87 27.43 -8.12
N VAL B 171 -2.11 26.98 -8.03
CA VAL B 171 -3.11 27.30 -9.05
C VAL B 171 -4.28 27.92 -8.32
N PHE B 172 -4.82 28.98 -8.89
CA PHE B 172 -5.96 29.65 -8.31
C PHE B 172 -6.98 29.53 -9.40
N ASP B 173 -8.04 28.80 -9.06
CA ASP B 173 -9.11 28.45 -9.98
C ASP B 173 -10.47 29.10 -9.67
N VAL B 174 -11.09 29.66 -10.71
CA VAL B 174 -12.40 30.30 -10.62
C VAL B 174 -13.28 29.77 -11.74
N ARG B 175 -14.49 29.34 -11.39
CA ARG B 175 -15.40 28.77 -12.36
C ARG B 175 -16.80 29.31 -12.17
N LEU B 176 -17.51 29.53 -13.27
CA LEU B 176 -18.89 30.00 -13.23
C LEU B 176 -19.61 29.01 -14.12
N ALA B 177 -20.57 28.30 -13.55
CA ALA B 177 -21.27 27.31 -14.35
C ALA B 177 -22.77 27.41 -14.29
N GLY B 178 -23.40 26.69 -15.19
CA GLY B 178 -24.85 26.68 -15.23
C GLY B 178 -25.43 27.91 -15.90
N LEU B 179 -24.68 28.53 -16.80
CA LEU B 179 -25.16 29.71 -17.52
C LEU B 179 -26.07 29.18 -18.60
N GLN B 180 -27.36 29.46 -18.45
CA GLN B 180 -28.36 29.01 -19.41
C GLN B 180 -28.28 29.89 -20.67
N THR B 181 -27.62 29.39 -21.69
CA THR B 181 -27.45 30.14 -22.93
C THR B 181 -28.54 29.92 -23.97
N ASN B 182 -29.11 28.73 -23.98
CA ASN B 182 -30.13 28.39 -24.95
C ASN B 182 -30.90 27.23 -24.39
N PRO B 183 -32.05 26.91 -24.99
CA PRO B 183 -32.83 25.78 -24.47
C PRO B 183 -32.02 24.49 -24.48
N ASP B 184 -31.97 23.86 -23.31
CA ASP B 184 -31.22 22.63 -23.12
C ASP B 184 -29.72 22.83 -23.30
N GLY B 185 -29.28 24.08 -23.27
CA GLY B 185 -27.87 24.38 -23.44
C GLY B 185 -27.39 25.09 -22.19
N VAL B 186 -26.17 24.79 -21.78
CA VAL B 186 -25.62 25.41 -20.59
C VAL B 186 -24.15 25.68 -20.85
N LEU B 187 -23.64 26.73 -20.22
CA LEU B 187 -22.25 27.13 -20.41
C LEU B 187 -21.50 27.32 -19.11
N GLU B 188 -20.25 26.88 -19.09
CA GLU B 188 -19.38 27.04 -17.93
C GLU B 188 -18.10 27.72 -18.37
N LEU B 189 -17.70 28.73 -17.63
CA LEU B 189 -16.50 29.50 -17.91
C LEU B 189 -15.53 29.25 -16.77
N GLY B 190 -14.25 29.20 -17.07
CA GLY B 190 -13.29 28.99 -16.01
C GLY B 190 -11.97 29.67 -16.32
N VAL B 191 -11.32 30.19 -15.28
CA VAL B 191 -10.03 30.85 -15.43
C VAL B 191 -9.09 30.20 -14.43
N ASP B 192 -7.84 30.00 -14.85
CA ASP B 192 -6.83 29.40 -14.00
C ASP B 192 -5.54 30.19 -14.10
N TYR B 193 -4.99 30.58 -12.96
CA TYR B 193 -3.71 31.28 -12.92
C TYR B 193 -2.75 30.47 -12.04
N GLY B 194 -1.63 30.04 -12.62
CA GLY B 194 -0.65 29.25 -11.87
C GLY B 194 0.73 29.88 -11.89
N ARG B 195 1.52 29.69 -10.84
CA ARG B 195 2.85 30.27 -10.76
C ARG B 195 3.76 29.44 -9.87
N ALA B 196 5.05 29.38 -10.18
CA ALA B 196 6.00 28.64 -9.35
C ALA B 196 6.16 29.53 -8.15
N ASN B 197 6.20 28.95 -6.97
CA ASN B 197 6.29 29.69 -5.72
C ASN B 197 7.51 29.19 -4.94
N THR B 198 8.65 29.84 -5.14
CA THR B 198 9.90 29.45 -4.50
C THR B 198 10.06 29.81 -3.04
N THR B 199 10.81 28.97 -2.30
CA THR B 199 11.09 29.19 -0.90
C THR B 199 12.09 30.33 -0.82
N ASP B 200 12.13 31.06 0.29
CA ASP B 200 13.06 32.18 0.42
C ASP B 200 14.51 31.68 0.30
N GLY B 201 15.30 32.39 -0.50
CA GLY B 201 16.69 32.04 -0.72
C GLY B 201 16.89 31.29 -2.02
N TYR B 202 15.86 30.56 -2.45
CA TYR B 202 15.93 29.80 -3.68
C TYR B 202 15.38 30.62 -4.82
N LYS B 203 15.85 30.34 -6.02
CA LYS B 203 15.41 31.05 -7.19
C LYS B 203 15.36 30.05 -8.32
N LEU B 204 14.56 30.35 -9.34
CA LEU B 204 14.45 29.50 -10.50
C LEU B 204 15.66 29.80 -11.40
N ALA B 205 16.12 28.82 -12.17
CA ALA B 205 17.24 29.03 -13.07
C ALA B 205 16.77 30.06 -14.10
N ASP B 206 17.71 30.68 -14.82
CA ASP B 206 17.36 31.68 -15.84
C ASP B 206 16.52 31.10 -16.96
N GLY B 207 15.47 31.82 -17.34
CA GLY B 207 14.62 31.37 -18.43
C GLY B 207 13.33 30.69 -18.06
N ALA B 208 13.19 30.29 -16.79
CA ALA B 208 11.98 29.64 -16.31
C ALA B 208 10.76 30.53 -16.62
N SER B 209 9.67 29.91 -17.07
CA SER B 209 8.46 30.63 -17.40
C SER B 209 7.79 31.20 -16.15
N LYS B 210 7.93 30.50 -15.03
CA LYS B 210 7.37 30.92 -13.75
C LYS B 210 5.85 30.92 -13.61
N ASP B 211 5.10 31.50 -14.55
CA ASP B 211 3.66 31.52 -14.41
C ASP B 211 2.88 31.43 -15.73
N GLY B 212 1.55 31.40 -15.66
CA GLY B 212 0.75 31.29 -16.88
C GLY B 212 -0.73 31.34 -16.62
N TRP B 213 -1.54 31.32 -17.68
CA TRP B 213 -2.99 31.37 -17.55
C TRP B 213 -3.65 30.31 -18.39
N MET B 214 -4.88 29.99 -18.04
CA MET B 214 -5.66 29.05 -18.82
C MET B 214 -7.11 29.46 -18.73
N PHE B 215 -7.75 29.52 -19.89
CA PHE B 215 -9.15 29.91 -19.98
C PHE B 215 -9.91 28.76 -20.61
N THR B 216 -11.04 28.41 -19.99
CA THR B 216 -11.89 27.31 -20.46
C THR B 216 -13.34 27.72 -20.61
N ALA B 217 -13.93 27.28 -21.70
CA ALA B 217 -15.34 27.54 -21.98
C ALA B 217 -15.92 26.22 -22.44
N GLU B 218 -16.91 25.71 -21.72
CA GLU B 218 -17.52 24.42 -22.06
C GLU B 218 -19.03 24.56 -22.18
N HIS B 219 -19.57 24.16 -23.32
CA HIS B 219 -20.99 24.23 -23.53
C HIS B 219 -21.56 22.82 -23.55
N THR B 220 -22.61 22.60 -22.77
CA THR B 220 -23.25 21.28 -22.74
C THR B 220 -24.64 21.38 -23.32
N GLN B 221 -24.95 20.52 -24.28
CA GLN B 221 -26.27 20.51 -24.90
C GLN B 221 -26.84 19.14 -24.68
N SER B 222 -28.00 19.08 -24.03
CA SER B 222 -28.68 17.83 -23.77
C SER B 222 -29.50 17.48 -24.98
N MET B 223 -29.37 16.24 -25.44
CA MET B 223 -30.07 15.79 -26.62
C MET B 223 -29.88 14.28 -26.79
N LEU B 224 -30.78 13.67 -27.56
CA LEU B 224 -30.75 12.26 -27.85
C LEU B 224 -30.42 11.43 -26.61
N LYS B 225 -31.04 11.80 -25.50
CA LYS B 225 -30.85 11.12 -24.21
C LYS B 225 -29.40 11.03 -23.77
N GLY B 226 -28.68 12.09 -24.14
CA GLY B 226 -27.28 12.19 -23.82
C GLY B 226 -26.91 13.65 -23.89
N TYR B 227 -25.72 13.93 -24.39
CA TYR B 227 -25.25 15.29 -24.47
C TYR B 227 -24.16 15.40 -25.50
N ASN B 228 -23.76 16.64 -25.72
CA ASN B 228 -22.67 16.97 -26.60
C ASN B 228 -22.00 18.13 -25.90
N LYS B 229 -20.69 18.05 -25.73
CA LYS B 229 -19.95 19.09 -25.07
C LYS B 229 -18.98 19.71 -26.04
N PHE B 230 -18.97 21.04 -26.08
CA PHE B 230 -18.08 21.76 -26.96
C PHE B 230 -17.15 22.53 -26.05
N VAL B 231 -15.87 22.31 -26.23
CA VAL B 231 -14.86 22.93 -25.39
C VAL B 231 -13.81 23.71 -26.17
N VAL B 232 -13.43 24.86 -25.63
CA VAL B 232 -12.42 25.69 -26.22
C VAL B 232 -11.55 26.08 -25.05
N GLN B 233 -10.24 25.86 -25.16
CA GLN B 233 -9.30 26.20 -24.11
C GLN B 233 -8.05 26.83 -24.70
N TYR B 234 -7.50 27.79 -23.96
CA TYR B 234 -6.32 28.49 -24.38
C TYR B 234 -5.44 28.60 -23.16
N ALA B 235 -4.24 28.05 -23.25
CA ALA B 235 -3.33 28.11 -22.13
C ALA B 235 -2.09 28.85 -22.54
N THR B 236 -1.43 29.39 -21.55
CA THR B 236 -0.30 30.22 -21.79
C THR B 236 0.88 29.86 -20.92
N ASP B 237 2.08 29.86 -21.51
CA ASP B 237 3.33 29.59 -20.81
C ASP B 237 3.32 28.38 -19.87
N ALA B 238 3.55 28.63 -18.57
CA ALA B 238 3.59 27.58 -17.54
C ALA B 238 2.45 26.58 -17.55
N MET B 239 1.29 27.00 -18.06
CA MET B 239 0.12 26.14 -18.13
C MET B 239 0.08 25.22 -19.34
N THR B 240 1.07 25.29 -20.23
CA THR B 240 1.08 24.46 -21.43
C THR B 240 1.62 23.05 -21.30
N THR B 241 2.53 22.81 -20.37
CA THR B 241 3.11 21.48 -20.19
C THR B 241 2.08 20.46 -19.75
N GLN B 242 1.50 20.62 -18.57
CA GLN B 242 0.47 19.68 -18.13
C GLN B 242 -0.77 19.88 -19.01
N GLY B 243 -1.12 21.13 -19.25
CA GLY B 243 -2.23 21.45 -20.12
C GLY B 243 -3.63 21.09 -19.68
N LYS B 244 -3.84 20.97 -18.39
CA LYS B 244 -5.15 20.62 -17.85
C LYS B 244 -5.52 21.54 -16.70
N GLY B 245 -4.70 22.55 -16.46
CA GLY B 245 -4.97 23.50 -15.40
C GLY B 245 -3.91 23.59 -14.31
N GLN B 246 -2.96 22.68 -14.33
CA GLN B 246 -1.88 22.69 -13.35
C GLN B 246 -0.66 23.40 -13.92
N ALA B 247 0.03 24.15 -13.06
CA ALA B 247 1.22 24.91 -13.49
C ALA B 247 2.56 24.16 -13.39
N ARG B 248 3.39 24.33 -14.42
CA ARG B 248 4.72 23.73 -14.51
C ARG B 248 5.70 24.90 -14.76
N GLY B 249 5.80 25.82 -13.80
CA GLY B 249 6.64 27.00 -13.91
C GLY B 249 8.14 26.88 -14.02
N SER B 250 8.71 25.75 -13.63
CA SER B 250 10.16 25.55 -13.71
C SER B 250 10.44 24.44 -14.71
N ASP B 251 9.44 24.13 -15.53
CA ASP B 251 9.59 23.07 -16.51
C ASP B 251 10.76 23.34 -17.42
N GLY B 252 11.62 22.34 -17.57
CA GLY B 252 12.78 22.49 -18.43
C GLY B 252 14.08 22.71 -17.69
N SER B 253 14.03 22.87 -16.37
CA SER B 253 15.25 23.08 -15.58
C SER B 253 16.08 21.80 -15.56
N SER B 254 17.38 21.98 -15.31
CA SER B 254 18.31 20.85 -15.20
C SER B 254 19.62 21.37 -14.63
N SER B 255 20.49 20.45 -14.24
CA SER B 255 21.78 20.85 -13.69
C SER B 255 22.81 19.75 -13.83
N PHE B 256 24.07 20.11 -13.70
CA PHE B 256 25.15 19.15 -13.77
C PHE B 256 26.21 19.57 -12.77
N THR B 257 26.80 18.57 -12.14
CA THR B 257 27.82 18.77 -11.13
C THR B 257 29.13 18.23 -11.61
N GLU B 258 30.21 18.87 -11.20
CA GLU B 258 31.56 18.44 -11.55
C GLU B 258 32.54 18.76 -10.41
N LYS B 265 33.28 19.17 -6.59
CA LYS B 265 31.84 19.24 -6.97
C LYS B 265 31.30 20.67 -6.96
N ILE B 266 31.07 21.19 -8.16
CA ILE B 266 30.53 22.53 -8.37
C ILE B 266 29.21 22.26 -9.04
N ASN B 267 28.18 22.96 -8.59
CA ASN B 267 26.86 22.75 -9.15
C ASN B 267 26.45 23.83 -10.13
N TYR B 268 26.10 23.44 -11.34
CA TYR B 268 25.69 24.37 -12.38
C TYR B 268 24.25 24.15 -12.80
N ALA B 269 23.44 25.18 -12.69
CA ALA B 269 22.05 25.10 -13.11
C ALA B 269 21.98 25.56 -14.57
N ASN B 270 21.73 24.63 -15.48
CA ASN B 270 21.61 24.97 -16.89
C ASN B 270 20.50 25.97 -17.13
N LYS B 271 20.48 26.55 -18.33
CA LYS B 271 19.43 27.50 -18.66
C LYS B 271 18.22 26.63 -18.95
N VAL B 272 17.11 27.01 -18.36
CA VAL B 272 15.85 26.30 -18.49
C VAL B 272 15.35 26.29 -19.92
N ILE B 273 15.11 25.11 -20.47
CA ILE B 273 14.56 24.99 -21.80
C ILE B 273 13.04 24.99 -21.53
N ASN B 274 12.55 26.21 -21.30
CA ASN B 274 11.18 26.50 -20.93
C ASN B 274 10.00 26.13 -21.84
N ASN B 275 8.81 26.32 -21.28
CA ASN B 275 7.54 26.06 -21.96
C ASN B 275 6.81 27.34 -22.33
N ASN B 276 7.56 28.42 -22.58
CA ASN B 276 6.95 29.69 -22.97
C ASN B 276 6.30 29.39 -24.31
N GLY B 277 5.06 29.81 -24.45
CA GLY B 277 4.31 29.58 -25.67
C GLY B 277 2.83 29.60 -25.35
N ASN B 278 2.03 28.91 -26.14
CA ASN B 278 0.60 28.88 -25.88
C ASN B 278 0.02 27.59 -26.39
N MET B 279 -1.20 27.31 -25.96
CA MET B 279 -1.88 26.11 -26.38
C MET B 279 -3.32 26.42 -26.69
N TRP B 280 -3.79 25.81 -27.75
CA TRP B 280 -5.17 25.95 -28.18
C TRP B 280 -5.74 24.57 -28.24
N ARG B 281 -6.90 24.39 -27.62
CA ARG B 281 -7.57 23.10 -27.66
C ARG B 281 -9.02 23.35 -27.99
N ILE B 282 -9.48 22.75 -29.07
CA ILE B 282 -10.87 22.86 -29.49
C ILE B 282 -11.34 21.40 -29.50
N LEU B 283 -12.29 21.11 -28.62
CA LEU B 283 -12.77 19.75 -28.43
C LEU B 283 -14.28 19.64 -28.51
N ASP B 284 -14.73 18.50 -29.01
CA ASP B 284 -16.14 18.21 -29.06
C ASP B 284 -16.29 16.72 -28.88
N HIS B 285 -17.04 16.34 -27.85
CA HIS B 285 -17.28 14.95 -27.55
C HIS B 285 -18.66 14.79 -26.99
N GLY B 286 -19.20 13.57 -27.05
CA GLY B 286 -20.52 13.36 -26.52
C GLY B 286 -20.89 11.90 -26.49
N ALA B 287 -22.11 11.65 -26.03
CA ALA B 287 -22.65 10.31 -25.92
C ALA B 287 -24.15 10.49 -26.10
N ILE B 288 -24.71 9.77 -27.07
CA ILE B 288 -26.13 9.89 -27.35
C ILE B 288 -26.75 8.54 -27.72
N SER B 289 -28.08 8.48 -27.75
CA SER B 289 -28.79 7.26 -28.12
C SER B 289 -29.50 7.47 -29.44
N LEU B 290 -29.20 6.61 -30.41
CA LEU B 290 -29.84 6.66 -31.72
C LEU B 290 -30.85 5.53 -31.75
N GLY B 291 -32.04 5.79 -31.22
CA GLY B 291 -33.06 4.75 -31.21
C GLY B 291 -32.97 3.82 -30.04
N ASP B 292 -33.55 2.64 -30.21
CA ASP B 292 -33.57 1.65 -29.14
C ASP B 292 -32.35 0.76 -29.11
N LYS B 293 -31.81 0.42 -30.27
CA LYS B 293 -30.66 -0.48 -30.36
C LYS B 293 -29.27 0.13 -30.44
N TRP B 294 -29.17 1.45 -30.53
CA TRP B 294 -27.86 2.07 -30.71
C TRP B 294 -27.51 3.19 -29.78
N ASP B 295 -26.28 3.11 -29.28
CA ASP B 295 -25.74 4.15 -28.43
C ASP B 295 -24.45 4.56 -29.13
N LEU B 296 -23.99 5.79 -28.92
CA LEU B 296 -22.78 6.23 -29.57
C LEU B 296 -21.97 7.24 -28.77
N MET B 297 -20.67 7.00 -28.67
CA MET B 297 -19.75 7.95 -28.02
C MET B 297 -18.84 8.46 -29.16
N TYR B 298 -18.43 9.72 -29.11
CA TYR B 298 -17.56 10.24 -30.18
C TYR B 298 -16.70 11.39 -29.67
N VAL B 299 -15.54 11.59 -30.31
CA VAL B 299 -14.62 12.66 -29.95
C VAL B 299 -14.01 13.24 -31.19
N GLY B 300 -13.74 14.53 -31.15
CA GLY B 300 -13.09 15.22 -32.23
C GLY B 300 -12.28 16.28 -31.52
N MET B 301 -10.96 16.26 -31.66
CA MET B 301 -10.15 17.27 -31.00
C MET B 301 -8.93 17.74 -31.77
N TYR B 302 -8.68 19.03 -31.65
CA TYR B 302 -7.53 19.69 -32.26
C TYR B 302 -6.80 20.36 -31.11
N GLN B 303 -5.54 20.02 -30.94
CA GLN B 303 -4.74 20.59 -29.87
C GLN B 303 -3.39 21.03 -30.45
N ASN B 304 -3.05 22.29 -30.22
CA ASN B 304 -1.80 22.84 -30.74
C ASN B 304 -0.99 23.54 -29.66
N ILE B 305 0.14 22.94 -29.34
CA ILE B 305 1.05 23.48 -28.34
C ILE B 305 2.15 24.16 -29.14
N ASP B 306 2.09 25.49 -29.15
CA ASP B 306 3.04 26.33 -29.86
C ASP B 306 4.08 26.86 -28.88
N TRP B 307 5.25 26.23 -28.87
CA TRP B 307 6.27 26.71 -27.99
C TRP B 307 7.24 27.60 -28.71
N ASP B 308 7.71 28.60 -27.98
CA ASP B 308 8.67 29.52 -28.52
C ASP B 308 9.94 28.77 -28.90
N ASN B 309 10.30 27.74 -28.13
CA ASN B 309 11.48 26.96 -28.44
C ASN B 309 11.28 25.97 -29.59
N ASN B 310 10.10 26.00 -30.21
CA ASN B 310 9.73 25.14 -31.35
C ASN B 310 9.69 23.63 -31.11
N LEU B 311 9.59 23.22 -29.86
CA LEU B 311 9.56 21.80 -29.53
C LEU B 311 8.15 21.28 -29.25
N GLY B 312 7.13 21.95 -29.77
CA GLY B 312 5.75 21.52 -29.53
C GLY B 312 5.19 20.47 -30.48
N THR B 313 3.86 20.36 -30.54
CA THR B 313 3.18 19.39 -31.40
C THR B 313 1.78 19.86 -31.78
N GLU B 314 1.33 19.51 -32.98
CA GLU B 314 0.00 19.86 -33.46
C GLU B 314 -0.70 18.51 -33.55
N TRP B 315 -1.77 18.33 -32.80
CA TRP B 315 -2.46 17.04 -32.73
C TRP B 315 -3.94 17.06 -33.08
N TRP B 316 -4.32 16.08 -33.89
CA TRP B 316 -5.70 15.89 -34.34
C TRP B 316 -6.08 14.50 -33.92
N THR B 317 -7.27 14.35 -33.36
CA THR B 317 -7.72 13.02 -32.97
C THR B 317 -9.22 12.94 -33.23
N VAL B 318 -9.67 11.82 -33.78
CA VAL B 318 -11.08 11.62 -34.09
C VAL B 318 -11.39 10.17 -33.85
N GLY B 319 -12.50 9.91 -33.20
CA GLY B 319 -12.85 8.54 -32.93
C GLY B 319 -14.34 8.43 -32.77
N VAL B 320 -14.82 7.22 -32.89
CA VAL B 320 -16.24 6.97 -32.79
C VAL B 320 -16.43 5.58 -32.16
N ARG B 321 -17.43 5.46 -31.29
CA ARG B 321 -17.69 4.18 -30.61
C ARG B 321 -19.19 3.84 -30.57
N PRO B 322 -19.67 3.18 -31.62
CA PRO B 322 -21.09 2.85 -31.61
C PRO B 322 -21.32 1.57 -30.81
N MET B 323 -22.51 1.46 -30.21
CA MET B 323 -22.87 0.29 -29.42
C MET B 323 -24.19 -0.27 -29.93
N TYR B 324 -24.18 -1.55 -30.31
CA TYR B 324 -25.40 -2.20 -30.77
C TYR B 324 -25.92 -3.09 -29.66
N LYS B 325 -27.17 -2.89 -29.26
CA LYS B 325 -27.74 -3.66 -28.17
C LYS B 325 -28.52 -4.86 -28.61
N TRP B 326 -27.89 -6.03 -28.61
CA TRP B 326 -28.60 -7.26 -28.98
C TRP B 326 -29.72 -7.51 -27.97
N THR B 327 -29.39 -7.40 -26.68
CA THR B 327 -30.34 -7.57 -25.59
C THR B 327 -29.99 -6.53 -24.54
N PRO B 328 -30.79 -6.44 -23.49
CA PRO B 328 -30.47 -5.44 -22.48
C PRO B 328 -29.12 -5.61 -21.81
N ILE B 329 -28.65 -6.85 -21.68
CA ILE B 329 -27.36 -7.06 -21.03
C ILE B 329 -26.22 -7.52 -21.94
N MET B 330 -26.45 -7.52 -23.25
CA MET B 330 -25.42 -7.95 -24.19
C MET B 330 -25.38 -7.03 -25.39
N SER B 331 -24.17 -6.67 -25.80
CA SER B 331 -24.03 -5.77 -26.92
C SER B 331 -22.72 -6.00 -27.63
N THR B 332 -22.61 -5.37 -28.78
CA THR B 332 -21.42 -5.44 -29.60
C THR B 332 -20.98 -4.02 -29.75
N LEU B 333 -19.71 -3.78 -29.44
CA LEU B 333 -19.11 -2.44 -29.54
C LEU B 333 -18.06 -2.40 -30.62
N LEU B 334 -17.89 -1.24 -31.20
CA LEU B 334 -16.90 -1.04 -32.21
C LEU B 334 -16.26 0.29 -31.87
N GLU B 335 -14.94 0.34 -31.93
CA GLU B 335 -14.26 1.60 -31.67
C GLU B 335 -13.24 1.83 -32.76
N VAL B 336 -13.31 3.01 -33.38
CA VAL B 336 -12.38 3.39 -34.45
C VAL B 336 -11.81 4.73 -34.07
N GLY B 337 -10.49 4.81 -33.99
CA GLY B 337 -9.86 6.06 -33.63
C GLY B 337 -8.66 6.36 -34.49
N TYR B 338 -8.51 7.64 -34.81
CA TYR B 338 -7.41 8.13 -35.65
C TYR B 338 -6.68 9.29 -34.96
N ASP B 339 -5.35 9.23 -34.98
CA ASP B 339 -4.50 10.25 -34.39
C ASP B 339 -3.50 10.74 -35.42
N ASN B 340 -3.23 12.04 -35.42
CA ASN B 340 -2.25 12.62 -36.32
C ASN B 340 -1.51 13.70 -35.55
N VAL B 341 -0.21 13.49 -35.35
CA VAL B 341 0.62 14.43 -34.60
C VAL B 341 1.79 14.96 -35.41
N LYS B 342 1.85 16.28 -35.55
CA LYS B 342 2.90 16.95 -36.29
C LYS B 342 3.90 17.53 -35.31
N SER B 343 5.17 17.15 -35.46
CA SER B 343 6.23 17.67 -34.60
C SER B 343 6.44 19.11 -34.98
N GLN B 344 6.36 20.02 -34.02
CA GLN B 344 6.56 21.42 -34.37
C GLN B 344 8.00 21.62 -34.84
N GLN B 345 8.90 20.88 -34.21
CA GLN B 345 10.32 20.95 -34.50
C GLN B 345 10.73 20.50 -35.91
N THR B 346 10.47 19.23 -36.23
CA THR B 346 10.84 18.70 -37.53
C THR B 346 9.79 18.89 -38.62
N GLY B 347 8.54 19.14 -38.23
CA GLY B 347 7.49 19.31 -39.22
C GLY B 347 6.93 18.01 -39.74
N ASP B 348 7.48 16.88 -39.33
CA ASP B 348 7.00 15.56 -39.77
C ASP B 348 5.73 15.16 -39.04
N ARG B 349 5.04 14.15 -39.58
CA ARG B 349 3.79 13.70 -38.98
C ARG B 349 3.77 12.23 -38.64
N ASN B 350 3.15 11.91 -37.50
CA ASN B 350 2.98 10.54 -37.05
C ASN B 350 1.48 10.28 -37.09
N ASN B 351 1.09 9.12 -37.54
CA ASN B 351 -0.33 8.83 -37.50
C ASN B 351 -0.61 7.36 -37.21
N GLN B 352 -1.81 7.12 -36.69
CA GLN B 352 -2.23 5.78 -36.34
C GLN B 352 -3.72 5.69 -36.32
N TYR B 353 -4.24 4.55 -36.70
CA TYR B 353 -5.66 4.31 -36.62
C TYR B 353 -5.82 2.92 -36.04
N LYS B 354 -6.71 2.80 -35.07
CA LYS B 354 -6.94 1.51 -34.45
C LYS B 354 -8.42 1.18 -34.53
N ILE B 355 -8.71 -0.08 -34.84
CA ILE B 355 -10.09 -0.54 -34.97
C ILE B 355 -10.27 -1.60 -33.92
N THR B 356 -11.32 -1.48 -33.12
CA THR B 356 -11.61 -2.48 -32.10
C THR B 356 -13.05 -2.98 -32.22
N LEU B 357 -13.19 -4.30 -32.12
CA LEU B 357 -14.48 -4.97 -32.19
C LEU B 357 -14.58 -5.74 -30.89
N ALA B 358 -15.63 -5.50 -30.10
CA ALA B 358 -15.77 -6.22 -28.83
C ALA B 358 -17.19 -6.69 -28.54
N GLN B 359 -17.29 -7.86 -27.93
CA GLN B 359 -18.56 -8.42 -27.53
C GLN B 359 -18.60 -8.15 -26.04
N GLN B 360 -19.72 -7.65 -25.55
CA GLN B 360 -19.80 -7.27 -24.15
C GLN B 360 -21.10 -7.61 -23.42
N TRP B 361 -20.97 -7.93 -22.14
CA TRP B 361 -22.11 -8.20 -21.26
C TRP B 361 -21.98 -7.12 -20.22
N GLN B 362 -23.03 -6.32 -20.02
CA GLN B 362 -22.96 -5.25 -19.04
C GLN B 362 -24.21 -5.13 -18.19
N ALA B 363 -24.04 -4.53 -17.02
CA ALA B 363 -25.12 -4.31 -16.07
C ALA B 363 -25.97 -3.12 -16.47
N GLY B 364 -26.78 -3.27 -17.51
CA GLY B 364 -27.63 -2.17 -17.96
C GLY B 364 -27.59 -2.06 -19.47
N ASP B 365 -28.44 -1.24 -20.06
CA ASP B 365 -28.46 -1.12 -21.53
C ASP B 365 -27.85 0.18 -22.03
N SER B 366 -26.89 0.73 -21.31
CA SER B 366 -26.29 1.97 -21.74
C SER B 366 -24.83 1.79 -22.08
N ILE B 367 -24.33 2.71 -22.90
CA ILE B 367 -22.94 2.68 -23.29
C ILE B 367 -22.13 3.05 -22.05
N TRP B 368 -22.82 3.61 -21.05
CA TRP B 368 -22.23 4.00 -19.77
C TRP B 368 -22.42 2.95 -18.66
N SER B 369 -23.17 1.88 -18.92
CA SER B 369 -23.39 0.87 -17.90
C SER B 369 -22.15 0.08 -17.57
N ARG B 370 -21.89 -0.09 -16.27
CA ARG B 370 -20.75 -0.84 -15.74
C ARG B 370 -21.29 -1.56 -14.52
N PRO B 371 -20.72 -2.71 -14.15
CA PRO B 371 -19.59 -3.42 -14.76
C PRO B 371 -19.85 -3.89 -16.16
N ALA B 372 -18.80 -4.29 -16.83
CA ALA B 372 -18.86 -4.81 -18.19
C ALA B 372 -17.76 -5.87 -18.34
N ILE B 373 -18.05 -6.95 -19.07
CA ILE B 373 -17.07 -7.98 -19.31
C ILE B 373 -16.98 -8.01 -20.82
N ARG B 374 -15.78 -7.85 -21.35
CA ARG B 374 -15.58 -7.81 -22.80
C ARG B 374 -14.61 -8.83 -23.34
N ILE B 375 -14.83 -9.20 -24.59
CA ILE B 375 -13.92 -10.08 -25.31
C ILE B 375 -13.73 -9.22 -26.54
N PHE B 376 -12.48 -8.94 -26.88
CA PHE B 376 -12.21 -8.05 -27.99
C PHE B 376 -11.09 -8.51 -28.89
N ALA B 377 -10.96 -7.81 -30.01
CA ALA B 377 -9.90 -8.04 -30.99
C ALA B 377 -9.61 -6.61 -31.43
N THR B 378 -8.34 -6.25 -31.42
CA THR B 378 -7.91 -4.91 -31.81
C THR B 378 -6.87 -4.96 -32.91
N TYR B 379 -6.96 -4.02 -33.85
CA TYR B 379 -6.02 -3.92 -34.94
C TYR B 379 -5.56 -2.48 -35.03
N ALA B 380 -4.26 -2.27 -35.13
CA ALA B 380 -3.72 -0.92 -35.22
C ALA B 380 -2.63 -0.87 -36.27
N LYS B 381 -2.67 0.19 -37.06
CA LYS B 381 -1.71 0.42 -38.12
C LYS B 381 -1.18 1.83 -37.91
N TRP B 382 0.14 1.97 -37.89
CA TRP B 382 0.74 3.27 -37.68
C TRP B 382 1.88 3.52 -38.65
N ASP B 383 2.12 4.79 -38.88
CA ASP B 383 3.17 5.25 -39.75
C ASP B 383 3.76 6.48 -39.06
N GLU B 384 4.85 6.27 -38.35
CA GLU B 384 5.46 7.36 -37.62
C GLU B 384 6.74 7.82 -38.31
N LYS B 385 6.73 9.08 -38.75
CA LYS B 385 7.87 9.66 -39.43
C LYS B 385 8.88 10.30 -38.49
N TRP B 386 8.49 10.58 -37.26
CA TRP B 386 9.41 11.19 -36.32
C TRP B 386 9.29 10.55 -34.96
N GLY B 387 10.16 10.93 -34.04
CA GLY B 387 10.12 10.39 -32.70
C GLY B 387 11.01 11.23 -31.81
N TYR B 388 10.88 11.08 -30.50
CA TYR B 388 11.72 11.85 -29.60
C TYR B 388 13.07 11.16 -29.53
N ILE B 389 14.13 11.97 -29.57
CA ILE B 389 15.48 11.45 -29.53
C ILE B 389 15.68 10.70 -28.24
N LYS B 390 15.89 9.40 -28.39
CA LYS B 390 16.09 8.53 -27.27
C LYS B 390 17.55 8.59 -26.87
N ASP B 391 17.81 9.34 -25.80
CA ASP B 391 19.15 9.50 -25.25
C ASP B 391 19.46 8.29 -24.34
N GLY B 392 19.51 7.10 -24.94
CA GLY B 392 19.77 5.87 -24.20
C GLY B 392 18.81 5.66 -23.03
N ASP B 393 17.68 5.02 -23.30
CA ASP B 393 16.65 4.74 -22.28
C ASP B 393 15.88 5.99 -21.82
N ASN B 394 16.52 7.15 -21.94
CA ASN B 394 15.91 8.42 -21.57
C ASN B 394 15.37 9.06 -22.83
N ILE B 395 14.15 9.57 -22.77
CA ILE B 395 13.55 10.22 -23.92
C ILE B 395 13.78 11.72 -23.78
N SER B 396 14.25 12.35 -24.85
CA SER B 396 14.54 13.78 -24.85
C SER B 396 13.34 14.61 -25.34
N ARG B 397 13.45 15.93 -25.20
CA ARG B 397 12.40 16.86 -25.65
C ARG B 397 12.51 17.10 -27.15
N TYR B 398 13.69 16.82 -27.69
CA TYR B 398 13.98 17.01 -29.09
C TYR B 398 13.55 15.84 -29.94
N ALA B 399 13.01 16.16 -31.11
CA ALA B 399 12.54 15.15 -32.05
C ALA B 399 13.55 14.98 -33.16
N ALA B 400 13.39 13.93 -33.95
CA ALA B 400 14.26 13.66 -35.07
C ALA B 400 13.49 12.73 -35.98
N ALA B 401 13.64 12.91 -37.28
CA ALA B 401 12.95 12.04 -38.24
C ALA B 401 13.51 10.64 -38.07
N THR B 402 12.67 9.63 -38.27
CA THR B 402 13.09 8.25 -38.11
C THR B 402 14.23 7.89 -39.07
N ASN B 403 14.13 8.37 -40.30
CA ASN B 403 15.13 8.08 -41.32
C ASN B 403 16.50 8.68 -41.01
N SER B 404 16.54 9.79 -40.27
CA SER B 404 17.82 10.39 -39.91
C SER B 404 18.46 9.30 -39.06
N GLY B 405 19.77 9.13 -39.15
CA GLY B 405 20.39 8.09 -38.37
C GLY B 405 20.23 8.17 -36.85
N ILE B 406 19.56 9.22 -36.38
CA ILE B 406 19.38 9.41 -34.94
C ILE B 406 18.41 8.44 -34.29
N SER B 407 18.75 8.03 -33.08
CA SER B 407 17.93 7.10 -32.31
C SER B 407 16.74 7.83 -31.65
N THR B 408 15.53 7.43 -32.04
CA THR B 408 14.31 8.03 -31.51
C THR B 408 13.39 6.94 -30.98
N ASN B 409 12.34 7.34 -30.26
CA ASN B 409 11.38 6.37 -29.72
C ASN B 409 10.24 6.10 -30.70
N SER B 410 10.49 6.39 -31.99
CA SER B 410 9.52 6.17 -33.04
C SER B 410 9.25 4.68 -33.25
N ARG B 411 7.99 4.36 -33.60
CA ARG B 411 7.57 2.98 -33.82
C ARG B 411 7.58 2.59 -35.30
N GLY B 412 8.00 3.53 -36.14
CA GLY B 412 8.08 3.26 -37.56
C GLY B 412 6.77 3.09 -38.26
N ASP B 413 6.79 2.27 -39.28
CA ASP B 413 5.62 1.98 -40.10
C ASP B 413 5.30 0.52 -39.83
N SER B 414 4.18 0.25 -39.16
CA SER B 414 3.87 -1.13 -38.89
C SER B 414 2.41 -1.47 -38.61
N ASP B 415 2.22 -2.71 -38.18
CA ASP B 415 0.93 -3.31 -37.95
C ASP B 415 0.92 -4.21 -36.74
N GLU B 416 -0.25 -4.39 -36.15
CA GLU B 416 -0.38 -5.29 -35.04
C GLU B 416 -1.82 -5.45 -34.66
N TRP B 417 -2.12 -6.61 -34.08
CA TRP B 417 -3.47 -6.91 -33.62
C TRP B 417 -3.37 -7.67 -32.31
N THR B 418 -4.28 -7.40 -31.39
CA THR B 418 -4.28 -8.07 -30.10
C THR B 418 -5.69 -8.54 -29.85
N PHE B 419 -5.88 -9.29 -28.78
CA PHE B 419 -7.20 -9.76 -28.41
C PHE B 419 -7.16 -10.29 -26.99
N GLY B 420 -8.33 -10.34 -26.36
CA GLY B 420 -8.40 -10.82 -24.99
C GLY B 420 -9.73 -10.52 -24.32
N ALA B 421 -9.74 -10.59 -22.99
CA ALA B 421 -10.93 -10.35 -22.20
C ALA B 421 -10.58 -9.29 -21.17
N GLN B 422 -11.59 -8.57 -20.69
CA GLN B 422 -11.32 -7.52 -19.73
C GLN B 422 -12.60 -7.10 -19.05
N MET B 423 -12.49 -6.62 -17.82
CA MET B 423 -13.64 -6.13 -17.10
C MET B 423 -13.34 -4.68 -16.77
N GLU B 424 -14.37 -3.88 -16.65
CA GLU B 424 -14.22 -2.48 -16.25
C GLU B 424 -15.43 -2.16 -15.40
N ILE B 425 -15.24 -1.42 -14.34
CA ILE B 425 -16.36 -1.10 -13.49
C ILE B 425 -16.14 0.18 -12.71
N TRP B 426 -17.23 0.87 -12.43
CA TRP B 426 -17.22 2.02 -11.55
C TRP B 426 -18.46 1.82 -10.70
N TRP B 427 -18.29 1.99 -9.39
CA TRP B 427 -19.37 1.77 -8.46
C TRP B 427 -19.40 2.84 -7.39
N VAL C 1 -19.28 -4.10 8.46
CA VAL C 1 -17.87 -3.66 8.64
C VAL C 1 -17.83 -2.30 9.34
N ASP C 2 -16.97 -2.16 10.35
CA ASP C 2 -16.80 -0.93 11.09
C ASP C 2 -15.67 -0.17 10.46
N PHE C 3 -15.94 1.07 10.06
CA PHE C 3 -14.94 1.92 9.44
C PHE C 3 -14.59 3.02 10.44
N HIS C 4 -13.32 3.12 10.78
CA HIS C 4 -12.85 4.11 11.73
C HIS C 4 -11.46 4.54 11.35
N GLY C 5 -10.95 5.59 12.00
CA GLY C 5 -9.62 6.05 11.69
C GLY C 5 -9.35 7.48 12.08
N TYR C 6 -8.36 8.06 11.42
CA TYR C 6 -7.93 9.43 11.68
C TYR C 6 -7.32 9.90 10.39
N ALA C 7 -7.39 11.20 10.12
CA ALA C 7 -6.80 11.78 8.93
C ALA C 7 -6.66 13.29 9.05
N ARG C 8 -5.64 13.84 8.40
CA ARG C 8 -5.42 15.28 8.37
C ARG C 8 -4.81 15.53 7.01
N SER C 9 -5.18 16.63 6.38
CA SER C 9 -4.69 16.96 5.07
C SER C 9 -5.00 18.44 4.86
N GLY C 10 -4.14 19.14 4.15
CA GLY C 10 -4.36 20.56 3.88
C GLY C 10 -3.36 21.13 2.89
N ILE C 11 -3.41 22.45 2.72
CA ILE C 11 -2.52 23.18 1.82
C ILE C 11 -2.05 24.39 2.60
N GLY C 12 -0.75 24.70 2.50
CA GLY C 12 -0.22 25.82 3.24
C GLY C 12 0.85 26.62 2.52
N TRP C 13 1.13 27.82 3.04
CA TRP C 13 2.11 28.71 2.47
C TRP C 13 2.97 29.29 3.57
N THR C 14 4.20 29.63 3.25
CA THR C 14 5.11 30.25 4.19
C THR C 14 5.18 31.70 3.78
N GLY C 15 5.05 32.60 4.75
CA GLY C 15 5.09 34.02 4.47
C GLY C 15 6.18 34.46 3.53
N SER C 16 7.42 34.07 3.79
CA SER C 16 8.55 34.46 2.94
C SER C 16 8.62 33.78 1.59
N GLY C 17 7.75 32.79 1.35
CA GLY C 17 7.74 32.10 0.09
C GLY C 17 7.64 30.58 0.11
N GLY C 18 6.97 30.04 -0.91
CA GLY C 18 6.79 28.60 -1.07
C GLY C 18 5.81 27.91 -0.14
N GLU C 19 5.85 26.58 -0.17
CA GLU C 19 5.02 25.72 0.65
C GLU C 19 5.13 26.03 2.13
N GLN C 20 4.15 25.55 2.88
CA GLN C 20 4.13 25.74 4.32
C GLN C 20 5.34 25.05 4.93
N GLN C 21 5.86 25.62 6.02
CA GLN C 21 6.98 25.06 6.77
C GLN C 21 6.49 24.83 8.18
N CYS C 22 6.99 23.80 8.84
CA CYS C 22 6.56 23.49 10.19
C CYS C 22 7.67 23.75 11.20
N PHE C 23 7.30 24.25 12.37
CA PHE C 23 8.28 24.63 13.35
C PHE C 23 8.39 23.78 14.61
N GLN C 24 9.55 23.18 14.82
CA GLN C 24 9.79 22.36 16.00
C GLN C 24 11.17 22.67 16.59
N ALA C 25 11.23 22.96 17.88
CA ALA C 25 12.49 23.28 18.56
C ALA C 25 13.44 22.10 18.50
N THR C 26 14.69 22.37 18.11
CA THR C 26 15.72 21.33 18.02
C THR C 26 15.94 20.81 19.43
N GLY C 27 15.75 19.50 19.61
CA GLY C 27 15.93 18.89 20.92
C GLY C 27 14.59 18.52 21.54
N ALA C 28 13.53 19.21 21.12
CA ALA C 28 12.18 18.93 21.62
C ALA C 28 11.67 17.70 20.90
N GLN C 29 10.91 16.87 21.60
CA GLN C 29 10.35 15.67 20.99
C GLN C 29 8.95 15.91 20.42
N SER C 30 8.55 17.17 20.30
CA SER C 30 7.24 17.45 19.75
C SER C 30 7.12 18.90 19.34
N LYS C 31 5.99 19.24 18.74
CA LYS C 31 5.70 20.61 18.34
C LYS C 31 4.22 20.85 18.56
N TYR C 32 3.86 22.11 18.74
CA TYR C 32 2.47 22.50 18.92
C TYR C 32 1.85 22.39 17.54
N ARG C 33 0.93 21.43 17.39
CA ARG C 33 0.35 21.13 16.11
C ARG C 33 -0.62 22.05 15.36
N LEU C 34 -1.46 22.83 16.04
CA LEU C 34 -2.40 23.69 15.31
C LEU C 34 -1.70 24.56 14.28
N GLY C 35 -2.07 24.37 13.01
CA GLY C 35 -1.49 25.14 11.93
C GLY C 35 0.01 24.94 11.87
N ASN C 36 0.45 23.76 12.22
CA ASN C 36 1.86 23.46 12.24
C ASN C 36 2.06 22.00 11.87
N GLU C 37 1.25 21.52 10.93
CA GLU C 37 1.33 20.14 10.45
C GLU C 37 1.53 20.20 8.95
N CYS C 38 2.62 19.59 8.48
CA CYS C 38 2.99 19.65 7.07
C CYS C 38 2.85 18.38 6.23
N GLU C 39 1.97 17.48 6.61
CA GLU C 39 1.78 16.26 5.83
C GLU C 39 0.35 15.76 5.95
N THR C 40 -0.04 14.92 4.99
CA THR C 40 -1.35 14.30 4.97
C THR C 40 -1.09 12.95 5.62
N TYR C 41 -1.72 12.69 6.75
CA TYR C 41 -1.54 11.43 7.42
C TYR C 41 -2.92 10.82 7.60
N ALA C 42 -3.07 9.53 7.34
CA ALA C 42 -4.38 8.90 7.50
C ALA C 42 -4.26 7.48 7.98
N GLU C 43 -5.13 7.08 8.89
CA GLU C 43 -5.16 5.72 9.40
C GLU C 43 -6.54 5.22 9.06
N LEU C 44 -6.61 4.18 8.23
CA LEU C 44 -7.88 3.59 7.82
C LEU C 44 -8.09 2.25 8.51
N LYS C 45 -9.04 2.23 9.43
CA LYS C 45 -9.34 1.03 10.19
C LYS C 45 -10.63 0.39 9.72
N LEU C 46 -10.59 -0.92 9.49
CA LEU C 46 -11.74 -1.71 9.08
C LEU C 46 -11.74 -2.85 10.09
N GLY C 47 -12.79 -2.97 10.88
CA GLY C 47 -12.86 -4.03 11.87
C GLY C 47 -14.25 -4.64 11.88
N GLN C 48 -14.48 -5.64 12.72
CA GLN C 48 -15.78 -6.25 12.77
C GLN C 48 -15.93 -7.18 13.95
N GLU C 49 -17.12 -7.19 14.55
CA GLU C 49 -17.38 -8.09 15.66
C GLU C 49 -17.74 -9.37 14.92
N VAL C 50 -16.79 -10.28 14.79
CA VAL C 50 -17.02 -11.51 14.03
C VAL C 50 -17.80 -12.63 14.68
N TRP C 51 -18.08 -12.53 15.98
CA TRP C 51 -18.82 -13.59 16.66
C TRP C 51 -19.30 -13.09 17.99
N LYS C 52 -20.51 -13.48 18.33
CA LYS C 52 -21.12 -13.06 19.58
C LYS C 52 -22.09 -14.14 19.98
N GLU C 53 -21.98 -14.59 21.22
CA GLU C 53 -22.87 -15.61 21.75
C GLU C 53 -23.02 -15.31 23.23
N GLY C 54 -24.06 -14.56 23.54
CA GLY C 54 -24.32 -14.20 24.91
C GLY C 54 -23.46 -13.02 25.27
N ASP C 55 -22.61 -13.21 26.27
CA ASP C 55 -21.71 -12.16 26.73
C ASP C 55 -20.33 -12.28 26.07
N LYS C 56 -20.13 -13.38 25.34
CA LYS C 56 -18.87 -13.65 24.68
C LYS C 56 -18.84 -13.11 23.26
N SER C 57 -17.69 -12.60 22.86
CA SER C 57 -17.56 -12.07 21.52
C SER C 57 -16.11 -11.99 21.08
N PHE C 58 -15.93 -11.91 19.77
CA PHE C 58 -14.63 -11.78 19.17
C PHE C 58 -14.69 -10.57 18.25
N TYR C 59 -13.76 -9.66 18.44
CA TYR C 59 -13.70 -8.49 17.58
C TYR C 59 -12.39 -8.56 16.81
N PHE C 60 -12.45 -8.30 15.51
CA PHE C 60 -11.29 -8.29 14.65
C PHE C 60 -11.06 -6.84 14.25
N ASP C 61 -9.82 -6.38 14.29
CA ASP C 61 -9.53 -5.00 13.96
C ASP C 61 -8.26 -4.87 13.15
N THR C 62 -8.21 -3.90 12.25
CA THR C 62 -7.00 -3.70 11.44
C THR C 62 -6.71 -2.22 11.37
N ASN C 63 -5.56 -1.86 10.79
CA ASN C 63 -5.18 -0.46 10.66
C ASN C 63 -4.05 -0.34 9.66
N VAL C 64 -4.31 0.39 8.58
CA VAL C 64 -3.33 0.63 7.52
C VAL C 64 -3.09 2.15 7.51
N ALA C 65 -1.84 2.56 7.74
CA ALA C 65 -1.51 3.98 7.79
C ALA C 65 -0.81 4.50 6.56
N TYR C 66 -1.16 5.72 6.14
CA TYR C 66 -0.58 6.35 4.98
C TYR C 66 -0.07 7.72 5.35
N SER C 67 1.13 8.02 4.90
CA SER C 67 1.74 9.31 5.16
C SER C 67 2.32 9.80 3.83
N VAL C 68 1.79 10.89 3.30
CA VAL C 68 2.26 11.47 2.05
C VAL C 68 2.54 12.96 2.29
N ASN C 69 3.38 13.56 1.45
CA ASN C 69 3.77 14.94 1.64
C ASN C 69 2.83 15.98 1.12
N GLN C 70 1.69 15.54 0.60
CA GLN C 70 0.68 16.46 0.06
C GLN C 70 1.24 17.58 -0.81
N GLN C 71 2.05 17.19 -1.80
CA GLN C 71 2.64 18.15 -2.71
C GLN C 71 2.26 17.87 -4.15
N ASN C 72 1.41 16.88 -4.36
CA ASN C 72 0.94 16.49 -5.68
C ASN C 72 -0.29 15.59 -5.53
N ASP C 73 -0.96 15.31 -6.65
CA ASP C 73 -2.12 14.43 -6.66
C ASP C 73 -1.61 13.00 -6.47
N TRP C 74 -0.93 12.46 -7.48
CA TRP C 74 -0.41 11.12 -7.40
C TRP C 74 0.81 11.06 -6.51
N GLU C 75 0.66 10.53 -5.31
CA GLU C 75 1.79 10.41 -4.42
C GLU C 75 1.84 8.99 -3.91
N SER C 76 2.82 8.24 -4.43
CA SER C 76 3.02 6.86 -4.05
C SER C 76 3.60 6.80 -2.65
N THR C 77 3.31 5.72 -1.94
CA THR C 77 3.82 5.54 -0.59
C THR C 77 3.86 4.06 -0.21
N ASP C 78 4.52 3.79 0.92
CA ASP C 78 4.61 2.46 1.45
C ASP C 78 3.77 2.53 2.72
N PRO C 79 2.53 2.03 2.64
CA PRO C 79 1.66 2.06 3.82
C PRO C 79 2.22 1.21 4.96
N ALA C 80 1.92 1.58 6.19
CA ALA C 80 2.40 0.81 7.31
C ALA C 80 1.24 -0.05 7.78
N PHE C 81 1.44 -1.35 7.90
CA PHE C 81 0.36 -2.22 8.40
C PHE C 81 0.55 -2.24 9.92
N ARG C 82 -0.14 -1.32 10.60
CA ARG C 82 0.02 -1.14 12.02
C ARG C 82 -0.78 -1.99 12.98
N GLU C 83 -1.97 -2.41 12.59
CA GLU C 83 -2.76 -3.26 13.49
C GLU C 83 -3.46 -4.38 12.77
N ALA C 84 -3.56 -5.51 13.46
CA ALA C 84 -4.24 -6.69 12.96
C ALA C 84 -4.27 -7.59 14.18
N ASN C 85 -5.36 -7.50 14.94
CA ASN C 85 -5.49 -8.30 16.16
C ASN C 85 -6.90 -8.77 16.35
N VAL C 86 -7.07 -9.75 17.26
CA VAL C 86 -8.38 -10.32 17.61
C VAL C 86 -8.47 -10.19 19.12
N GLN C 87 -9.64 -9.77 19.61
CA GLN C 87 -9.90 -9.61 21.02
C GLN C 87 -11.10 -10.46 21.38
N GLY C 88 -10.95 -11.33 22.37
CA GLY C 88 -12.05 -12.17 22.78
C GLY C 88 -12.50 -11.73 24.15
N LYS C 89 -13.74 -11.21 24.25
CA LYS C 89 -14.26 -10.75 25.53
C LYS C 89 -15.00 -11.87 26.26
N ASN C 90 -14.79 -11.95 27.57
CA ASN C 90 -15.45 -12.95 28.42
C ASN C 90 -15.23 -14.41 28.09
N LEU C 91 -14.09 -14.74 27.52
CA LEU C 91 -13.84 -16.12 27.18
C LEU C 91 -13.33 -16.87 28.39
N ILE C 92 -12.67 -16.18 29.33
CA ILE C 92 -12.13 -16.81 30.53
C ILE C 92 -13.15 -16.73 31.67
N GLU C 93 -13.84 -17.84 31.91
CA GLU C 93 -14.87 -17.94 32.95
C GLU C 93 -14.47 -17.41 34.31
N TRP C 94 -13.29 -17.81 34.78
CA TRP C 94 -12.82 -17.37 36.10
C TRP C 94 -12.26 -15.95 36.16
N LEU C 95 -12.19 -15.28 35.02
CA LEU C 95 -11.73 -13.90 34.95
C LEU C 95 -12.80 -13.17 34.16
N PRO C 96 -14.02 -13.09 34.73
CA PRO C 96 -15.15 -12.43 34.08
C PRO C 96 -14.84 -11.01 33.67
N GLY C 97 -15.23 -10.66 32.46
CA GLY C 97 -15.00 -9.32 31.96
C GLY C 97 -13.65 -9.08 31.31
N SER C 98 -12.67 -9.95 31.57
CA SER C 98 -11.34 -9.81 31.00
C SER C 98 -11.37 -10.06 29.50
N THR C 99 -10.44 -9.46 28.79
CA THR C 99 -10.36 -9.59 27.35
C THR C 99 -8.99 -10.16 27.03
N ILE C 100 -8.93 -11.22 26.22
CA ILE C 100 -7.63 -11.77 25.82
C ILE C 100 -7.43 -11.34 24.37
N TRP C 101 -6.20 -11.02 24.01
CA TRP C 101 -5.96 -10.57 22.65
C TRP C 101 -4.58 -10.94 22.18
N ALA C 102 -4.40 -10.91 20.86
CA ALA C 102 -3.12 -11.21 20.27
C ALA C 102 -3.10 -10.59 18.88
N GLY C 103 -1.93 -10.12 18.49
CA GLY C 103 -1.74 -9.52 17.18
C GLY C 103 -1.11 -8.13 17.31
N LYS C 104 -0.94 -7.45 16.20
CA LYS C 104 -0.38 -6.10 16.23
C LYS C 104 -1.50 -5.24 16.76
N ARG C 105 -1.21 -4.42 17.76
CA ARG C 105 -2.24 -3.58 18.34
C ARG C 105 -1.75 -2.30 18.96
N PHE C 106 -2.55 -1.23 18.82
CA PHE C 106 -2.27 0.07 19.44
C PHE C 106 -2.80 -0.18 20.87
N TYR C 107 -1.92 -0.58 21.78
CA TYR C 107 -2.32 -0.90 23.13
C TYR C 107 -2.34 0.24 24.14
N GLN C 108 -3.54 0.58 24.60
CA GLN C 108 -3.77 1.62 25.61
C GLN C 108 -2.76 2.76 25.58
N ARG C 109 -2.70 3.47 24.45
CA ARG C 109 -1.79 4.58 24.29
C ARG C 109 -2.29 5.79 25.04
N HIS C 110 -1.36 6.57 25.60
CA HIS C 110 -1.68 7.78 26.33
C HIS C 110 -0.94 8.89 25.60
N ASP C 111 -1.64 9.95 25.23
CA ASP C 111 -1.03 11.06 24.52
C ASP C 111 -1.61 12.40 24.94
N VAL C 112 -0.95 13.47 24.49
CA VAL C 112 -1.40 14.86 24.73
C VAL C 112 -1.73 15.37 23.34
N HIS C 113 -3.02 15.45 23.00
CA HIS C 113 -3.43 15.88 21.67
C HIS C 113 -2.75 17.08 21.04
N MET C 114 -2.73 18.22 21.74
CA MET C 114 -2.16 19.42 21.14
C MET C 114 -0.73 19.38 20.70
N ILE C 115 0.09 18.54 21.31
CA ILE C 115 1.47 18.44 20.89
C ILE C 115 1.74 17.11 20.19
N ASP C 116 0.66 16.34 19.98
CA ASP C 116 0.72 15.01 19.33
C ASP C 116 1.84 14.19 19.94
N PHE C 117 1.89 14.18 21.27
CA PHE C 117 2.93 13.49 22.03
C PHE C 117 2.38 12.32 22.80
N TYR C 118 2.90 11.13 22.52
CA TYR C 118 2.48 9.93 23.22
C TYR C 118 3.50 9.75 24.33
N TYR C 119 3.04 9.63 25.57
CA TYR C 119 3.96 9.43 26.67
C TYR C 119 3.88 8.02 27.26
N TRP C 120 3.03 7.17 26.69
CA TRP C 120 2.91 5.79 27.16
C TRP C 120 2.33 5.05 25.97
N ASP C 121 3.22 4.42 25.21
CA ASP C 121 2.85 3.70 24.00
C ASP C 121 3.77 2.50 23.75
N ILE C 122 3.30 1.30 24.15
CA ILE C 122 4.09 0.09 23.94
C ILE C 122 3.51 -0.69 22.74
N SER C 123 2.75 0.01 21.89
CA SER C 123 2.13 -0.62 20.75
C SER C 123 3.09 -1.42 19.88
N GLY C 124 2.55 -2.44 19.23
CA GLY C 124 3.33 -3.27 18.35
C GLY C 124 2.77 -4.67 18.39
N PRO C 125 3.53 -5.66 17.92
CA PRO C 125 3.08 -7.07 17.93
C PRO C 125 3.03 -7.48 19.39
N GLY C 126 1.95 -8.11 19.83
CA GLY C 126 1.92 -8.50 21.23
C GLY C 126 0.75 -9.39 21.56
N ALA C 127 0.53 -9.58 22.85
CA ALA C 127 -0.56 -10.39 23.36
C ALA C 127 -0.69 -10.04 24.83
N GLY C 128 -1.85 -10.33 25.41
CA GLY C 128 -2.05 -10.04 26.80
C GLY C 128 -3.49 -10.28 27.21
N ILE C 129 -3.79 -9.93 28.46
CA ILE C 129 -5.14 -10.07 28.99
C ILE C 129 -5.43 -8.78 29.76
N GLU C 130 -6.50 -8.11 29.39
CA GLU C 130 -6.83 -6.87 30.04
C GLU C 130 -8.14 -6.91 30.75
N ASN C 131 -8.29 -5.93 31.63
CA ASN C 131 -9.46 -5.72 32.45
C ASN C 131 -9.84 -6.86 33.37
N ILE C 132 -8.85 -7.38 34.08
CA ILE C 132 -9.11 -8.42 35.06
C ILE C 132 -9.65 -7.63 36.24
N ASP C 133 -10.86 -7.94 36.67
CA ASP C 133 -11.49 -7.21 37.77
C ASP C 133 -10.94 -7.58 39.14
N LEU C 134 -10.35 -6.61 39.82
CA LEU C 134 -9.80 -6.82 41.15
C LEU C 134 -10.72 -6.22 42.23
N GLY C 135 -11.86 -5.69 41.79
CA GLY C 135 -12.80 -5.10 42.72
C GLY C 135 -12.44 -3.64 42.96
N PHE C 136 -11.25 -3.41 43.47
CA PHE C 136 -10.81 -2.05 43.72
C PHE C 136 -10.12 -1.44 42.51
N GLY C 137 -9.97 -2.22 41.46
CA GLY C 137 -9.32 -1.72 40.27
C GLY C 137 -9.31 -2.77 39.18
N LYS C 138 -8.83 -2.38 38.00
CA LYS C 138 -8.76 -3.29 36.86
C LYS C 138 -7.30 -3.54 36.55
N LEU C 139 -6.94 -4.81 36.41
CA LEU C 139 -5.55 -5.22 36.14
C LEU C 139 -5.37 -5.70 34.72
N SER C 140 -4.30 -5.26 34.08
CA SER C 140 -4.03 -5.67 32.71
C SER C 140 -2.57 -6.05 32.55
N LEU C 141 -2.32 -7.17 31.89
CA LEU C 141 -0.97 -7.65 31.64
C LEU C 141 -0.75 -7.80 30.14
N ALA C 142 0.43 -7.39 29.67
CA ALA C 142 0.72 -7.50 28.24
C ALA C 142 2.21 -7.63 27.97
N ALA C 143 2.52 -8.22 26.83
CA ALA C 143 3.89 -8.37 26.38
C ALA C 143 3.91 -7.93 24.91
N THR C 144 4.73 -6.94 24.56
CA THR C 144 4.78 -6.51 23.17
C THR C 144 6.24 -6.52 22.71
N ARG C 145 6.47 -6.31 21.42
CA ARG C 145 7.81 -6.30 20.87
C ARG C 145 8.12 -5.14 19.94
N SER C 146 9.41 -4.80 19.90
CA SER C 146 9.94 -3.77 19.03
C SER C 146 11.31 -4.32 18.67
N THR C 147 11.89 -3.88 17.58
CA THR C 147 13.23 -4.36 17.24
C THR C 147 14.08 -3.21 16.72
N GLU C 148 15.34 -3.24 17.09
CA GLU C 148 16.28 -2.22 16.68
C GLU C 148 17.08 -2.77 15.50
N ALA C 149 17.64 -1.86 14.71
CA ALA C 149 18.48 -2.25 13.58
C ALA C 149 19.86 -2.66 14.11
N GLY C 150 20.32 -3.85 13.72
CA GLY C 150 21.63 -4.30 14.16
C GLY C 150 21.70 -4.48 15.66
N GLY C 151 22.91 -4.38 16.21
CA GLY C 151 23.07 -4.52 17.65
C GLY C 151 23.38 -5.92 18.10
N SER C 152 23.08 -6.94 17.30
CA SER C 152 23.38 -8.32 17.69
C SER C 152 24.47 -8.83 16.74
N TYR C 153 25.58 -9.31 17.31
CA TYR C 153 26.72 -9.79 16.52
C TYR C 153 27.20 -11.17 16.93
N THR C 154 27.79 -11.89 15.98
CA THR C 154 28.35 -13.20 16.25
C THR C 154 29.84 -12.93 16.31
N PHE C 155 30.34 -12.68 17.51
CA PHE C 155 31.76 -12.36 17.70
C PHE C 155 32.67 -13.57 17.56
N SER C 156 33.70 -13.42 16.73
CA SER C 156 34.67 -14.49 16.50
C SER C 156 35.83 -14.33 17.47
N SER C 157 36.48 -13.18 17.37
CA SER C 157 37.60 -12.86 18.23
C SER C 157 37.36 -11.45 18.71
N GLN C 158 36.85 -11.36 19.94
CA GLN C 158 36.56 -10.11 20.66
C GLN C 158 36.26 -8.89 19.78
N ASN C 159 34.99 -8.48 19.77
CA ASN C 159 34.53 -7.35 18.97
C ASN C 159 34.71 -7.37 17.43
N ILE C 160 35.36 -8.42 16.92
CA ILE C 160 35.45 -8.61 15.47
C ILE C 160 34.33 -9.63 15.31
N TYR C 161 33.41 -9.39 14.38
CA TYR C 161 32.29 -10.30 14.23
C TYR C 161 32.07 -10.78 12.81
N ASP C 162 31.37 -11.90 12.68
CA ASP C 162 31.06 -12.49 11.38
C ASP C 162 29.75 -11.95 10.85
N GLU C 163 28.70 -12.01 11.66
CA GLU C 163 27.38 -11.53 11.25
C GLU C 163 26.73 -10.61 12.24
N VAL C 164 25.83 -9.78 11.73
CA VAL C 164 25.05 -8.83 12.52
C VAL C 164 23.62 -9.33 12.41
N LYS C 165 22.74 -8.77 13.22
CA LYS C 165 21.35 -9.16 13.20
C LYS C 165 20.60 -8.07 13.93
N ASP C 166 19.31 -7.93 13.64
CA ASP C 166 18.47 -6.95 14.31
C ASP C 166 18.14 -7.48 15.69
N THR C 167 18.11 -6.58 16.66
CA THR C 167 17.87 -6.95 18.03
C THR C 167 16.42 -6.74 18.48
N ALA C 168 15.78 -7.81 18.91
CA ALA C 168 14.42 -7.75 19.40
C ALA C 168 14.42 -7.30 20.85
N ASN C 169 13.54 -6.37 21.21
CA ASN C 169 13.40 -5.89 22.59
C ASN C 169 12.00 -6.24 23.06
N ASP C 170 11.92 -6.96 24.17
CA ASP C 170 10.64 -7.36 24.73
C ASP C 170 10.27 -6.44 25.88
N VAL C 171 8.97 -6.17 26.03
CA VAL C 171 8.46 -5.33 27.10
C VAL C 171 7.35 -6.11 27.79
N PHE C 172 7.40 -6.12 29.11
CA PHE C 172 6.41 -6.79 29.93
C PHE C 172 5.77 -5.67 30.70
N ASP C 173 4.47 -5.50 30.45
CA ASP C 173 3.67 -4.41 30.96
C ASP C 173 2.57 -4.84 31.93
N VAL C 174 2.48 -4.13 33.04
CA VAL C 174 1.47 -4.39 34.08
C VAL C 174 0.85 -3.06 34.47
N ARG C 175 -0.47 -2.99 34.44
CA ARG C 175 -1.17 -1.77 34.77
C ARG C 175 -2.34 -2.03 35.71
N LEU C 176 -2.56 -1.13 36.66
CA LEU C 176 -3.67 -1.23 37.61
C LEU C 176 -4.35 0.12 37.48
N ALA C 177 -5.60 0.11 37.05
CA ALA C 177 -6.31 1.36 36.86
C ALA C 177 -7.64 1.40 37.56
N GLY C 178 -8.21 2.60 37.63
CA GLY C 178 -9.50 2.76 38.27
C GLY C 178 -9.40 2.84 39.77
N LEU C 179 -8.24 3.21 40.31
CA LEU C 179 -8.10 3.34 41.74
C LEU C 179 -8.77 4.65 42.13
N GLN C 180 -9.89 4.55 42.83
CA GLN C 180 -10.65 5.70 43.27
C GLN C 180 -9.92 6.35 44.45
N THR C 181 -9.15 7.39 44.17
CA THR C 181 -8.39 8.05 45.21
C THR C 181 -9.11 9.19 45.92
N ASN C 182 -10.03 9.82 45.23
CA ASN C 182 -10.77 10.92 45.78
C ASN C 182 -12.00 11.10 44.94
N PRO C 183 -12.97 11.89 45.43
CA PRO C 183 -14.19 12.10 44.64
C PRO C 183 -13.86 12.65 43.25
N ASP C 184 -14.34 11.95 42.21
CA ASP C 184 -14.10 12.35 40.82
C ASP C 184 -12.63 12.25 40.43
N GLY C 185 -11.84 11.55 41.22
CA GLY C 185 -10.44 11.38 40.95
C GLY C 185 -10.14 9.91 40.85
N VAL C 186 -9.27 9.54 39.94
CA VAL C 186 -8.91 8.14 39.73
C VAL C 186 -7.41 8.06 39.45
N LEU C 187 -6.81 6.94 39.83
CA LEU C 187 -5.39 6.73 39.66
C LEU C 187 -5.04 5.41 38.97
N GLU C 188 -4.08 5.48 38.05
CA GLU C 188 -3.62 4.30 37.33
C GLU C 188 -2.14 4.22 37.54
N LEU C 189 -1.68 3.03 37.88
CA LEU C 189 -0.28 2.72 38.11
C LEU C 189 0.18 1.76 37.04
N GLY C 190 1.41 1.90 36.59
CA GLY C 190 1.92 1.01 35.57
C GLY C 190 3.41 0.76 35.73
N VAL C 191 3.84 -0.45 35.41
CA VAL C 191 5.25 -0.82 35.48
C VAL C 191 5.61 -1.47 34.15
N ASP C 192 6.80 -1.16 33.67
CA ASP C 192 7.26 -1.71 32.41
C ASP C 192 8.70 -2.15 32.56
N TYR C 193 8.98 -3.38 32.15
CA TYR C 193 10.33 -3.91 32.16
C TYR C 193 10.67 -4.34 30.74
N GLY C 194 11.69 -3.73 30.16
CA GLY C 194 12.08 -4.08 28.80
C GLY C 194 13.52 -4.56 28.69
N ARG C 195 13.81 -5.34 27.66
CA ARG C 195 15.15 -5.88 27.51
C ARG C 195 15.46 -6.34 26.10
N ALA C 196 16.74 -6.28 25.73
CA ALA C 196 17.20 -6.74 24.42
C ALA C 196 17.25 -8.26 24.58
N ASN C 197 16.74 -8.95 23.58
CA ASN C 197 16.69 -10.39 23.62
C ASN C 197 17.38 -10.93 22.37
N THR C 198 18.65 -11.27 22.54
CA THR C 198 19.48 -11.76 21.45
C THR C 198 19.32 -13.24 21.12
N THR C 199 19.48 -13.55 19.84
CA THR C 199 19.39 -14.91 19.34
C THR C 199 20.63 -15.67 19.82
N ASP C 200 20.55 -16.98 19.94
CA ASP C 200 21.70 -17.75 20.40
C ASP C 200 22.86 -17.56 19.47
N GLY C 201 24.03 -17.37 20.04
CA GLY C 201 25.23 -17.16 19.24
C GLY C 201 25.57 -15.69 19.08
N TYR C 202 24.54 -14.86 19.06
CA TYR C 202 24.75 -13.43 18.92
C TYR C 202 24.86 -12.81 20.30
N LYS C 203 25.52 -11.67 20.36
CA LYS C 203 25.72 -10.92 21.59
C LYS C 203 25.68 -9.44 21.26
N LEU C 204 25.41 -8.62 22.27
CA LEU C 204 25.38 -7.17 22.10
C LEU C 204 26.82 -6.67 22.19
N ALA C 205 27.16 -5.61 21.48
CA ALA C 205 28.50 -5.06 21.56
C ALA C 205 28.72 -4.67 23.01
N ASP C 206 29.97 -4.60 23.44
CA ASP C 206 30.21 -4.24 24.83
C ASP C 206 29.82 -2.80 25.15
N GLY C 207 29.06 -2.64 26.22
CA GLY C 207 28.63 -1.31 26.64
C GLY C 207 27.11 -1.13 26.57
N ALA C 208 26.44 -1.93 25.74
CA ALA C 208 24.99 -1.89 25.57
C ALA C 208 24.28 -1.95 26.91
N SER C 209 23.19 -1.19 27.06
CA SER C 209 22.42 -1.19 28.31
C SER C 209 21.57 -2.44 28.53
N LYS C 210 21.13 -3.06 27.44
CA LYS C 210 20.32 -4.27 27.49
C LYS C 210 18.92 -4.19 28.07
N ASP C 211 18.76 -3.66 29.29
CA ASP C 211 17.44 -3.57 29.87
C ASP C 211 17.11 -2.27 30.61
N GLY C 212 15.91 -2.18 31.18
CA GLY C 212 15.52 -0.98 31.90
C GLY C 212 14.13 -1.08 32.45
N TRP C 213 13.73 -0.09 33.26
CA TRP C 213 12.41 -0.08 33.86
C TRP C 213 11.73 1.24 33.61
N MET C 214 10.41 1.25 33.72
CA MET C 214 9.66 2.48 33.59
C MET C 214 8.46 2.38 34.49
N PHE C 215 8.24 3.43 35.27
CA PHE C 215 7.13 3.45 36.20
C PHE C 215 6.28 4.66 35.86
N THR C 216 4.97 4.44 35.76
CA THR C 216 4.01 5.49 35.42
C THR C 216 2.89 5.57 36.45
N ALA C 217 2.50 6.80 36.76
CA ALA C 217 1.40 7.08 37.68
C ALA C 217 0.62 8.21 37.03
N GLU C 218 -0.67 7.98 36.79
CA GLU C 218 -1.49 8.99 36.15
C GLU C 218 -2.77 9.19 36.92
N HIS C 219 -3.02 10.42 37.30
CA HIS C 219 -4.23 10.73 38.03
C HIS C 219 -5.18 11.54 37.14
N THR C 220 -6.44 11.09 37.07
CA THR C 220 -7.43 11.80 36.28
C THR C 220 -8.50 12.40 37.17
N GLN C 221 -8.74 13.69 37.00
CA GLN C 221 -9.74 14.38 37.77
C GLN C 221 -10.76 14.94 36.83
N SER C 222 -12.01 14.52 37.00
CA SER C 222 -13.08 15.00 36.14
C SER C 222 -13.58 16.30 36.69
N MET C 223 -13.70 17.30 35.81
CA MET C 223 -14.15 18.63 36.21
C MET C 223 -14.40 19.51 35.01
N LEU C 224 -15.16 20.58 35.22
CA LEU C 224 -15.48 21.54 34.18
C LEU C 224 -15.81 20.86 32.87
N LYS C 225 -16.59 19.79 32.97
CA LYS C 225 -17.02 19.01 31.82
C LYS C 225 -15.87 18.50 30.99
N GLY C 226 -14.79 18.17 31.67
CA GLY C 226 -13.60 17.67 31.02
C GLY C 226 -12.79 16.94 32.07
N TYR C 227 -11.48 17.09 32.00
CA TYR C 227 -10.60 16.43 32.96
C TYR C 227 -9.28 17.14 33.02
N ASN C 228 -8.45 16.67 33.94
CA ASN C 228 -7.10 17.15 34.11
C ASN C 228 -6.36 15.89 34.47
N LYS C 229 -5.24 15.68 33.79
CA LYS C 229 -4.42 14.51 34.05
C LYS C 229 -3.06 14.94 34.55
N PHE C 230 -2.65 14.31 35.63
CA PHE C 230 -1.36 14.59 36.19
C PHE C 230 -0.57 13.32 36.06
N VAL C 231 0.57 13.42 35.38
CA VAL C 231 1.42 12.28 35.13
C VAL C 231 2.85 12.43 35.65
N VAL C 232 3.35 11.36 36.26
CA VAL C 232 4.71 11.30 36.78
C VAL C 232 5.30 9.99 36.23
N GLN C 233 6.43 10.08 35.53
CA GLN C 233 7.07 8.90 35.00
C GLN C 233 8.55 8.95 35.22
N TYR C 234 9.11 7.78 35.48
CA TYR C 234 10.53 7.62 35.73
C TYR C 234 11.00 6.42 34.92
N ALA C 235 11.98 6.63 34.06
CA ALA C 235 12.47 5.52 33.26
C ALA C 235 13.95 5.35 33.51
N THR C 236 14.39 4.11 33.30
CA THR C 236 15.76 3.67 33.53
C THR C 236 16.45 3.10 32.29
N ASP C 237 17.72 3.44 32.10
CA ASP C 237 18.57 2.92 31.01
C ASP C 237 17.90 2.67 29.66
N ALA C 238 17.73 1.40 29.27
CA ALA C 238 17.14 1.05 27.98
C ALA C 238 15.78 1.67 27.70
N MET C 239 15.08 2.13 28.73
CA MET C 239 13.75 2.71 28.56
C MET C 239 13.77 4.21 28.31
N THR C 240 14.94 4.82 28.31
CA THR C 240 15.06 6.27 28.13
C THR C 240 15.08 6.79 26.70
N THR C 241 15.55 5.98 25.76
CA THR C 241 15.61 6.42 24.37
C THR C 241 14.24 6.69 23.78
N GLN C 242 13.40 5.67 23.66
CA GLN C 242 12.05 5.85 23.14
C GLN C 242 11.26 6.64 24.19
N GLY C 243 11.42 6.26 25.46
CA GLY C 243 10.77 6.98 26.53
C GLY C 243 9.28 6.96 26.64
N LYS C 244 8.63 5.93 26.12
CA LYS C 244 7.18 5.81 26.19
C LYS C 244 6.78 4.42 26.65
N GLY C 245 7.77 3.58 26.96
CA GLY C 245 7.51 2.24 27.43
C GLY C 245 8.16 1.13 26.60
N GLN C 246 8.74 1.48 25.45
CA GLN C 246 9.40 0.48 24.62
C GLN C 246 10.88 0.47 24.93
N ALA C 247 11.50 -0.70 24.90
CA ALA C 247 12.92 -0.83 25.22
C ALA C 247 13.87 -0.69 24.03
N ARG C 248 14.99 0.00 24.25
CA ARG C 248 16.02 0.20 23.22
C ARG C 248 17.35 -0.28 23.86
N GLY C 249 17.43 -1.56 24.17
CA GLY C 249 18.60 -2.13 24.81
C GLY C 249 19.96 -2.11 24.13
N SER C 250 20.00 -1.98 22.80
CA SER C 250 21.25 -1.97 22.06
C SER C 250 21.51 -0.61 21.45
N ASP C 251 20.72 0.37 21.88
CA ASP C 251 20.82 1.72 21.38
C ASP C 251 22.26 2.22 21.50
N GLY C 252 22.77 2.77 20.41
CA GLY C 252 24.12 3.31 20.40
C GLY C 252 25.14 2.41 19.74
N SER C 253 24.73 1.21 19.35
CA SER C 253 25.62 0.26 18.70
C SER C 253 26.00 0.75 17.30
N SER C 254 27.17 0.33 16.83
CA SER C 254 27.65 0.69 15.49
C SER C 254 28.83 -0.20 15.14
N SER C 255 29.19 -0.20 13.86
CA SER C 255 30.31 -1.02 13.42
C SER C 255 30.92 -0.46 12.16
N PHE C 256 32.12 -0.93 11.85
CA PHE C 256 32.81 -0.52 10.64
C PHE C 256 33.58 -1.73 10.11
N THR C 257 33.60 -1.84 8.79
CA THR C 257 34.27 -2.93 8.10
C THR C 257 35.44 -2.39 7.31
N GLU C 258 36.49 -3.20 7.20
CA GLU C 258 37.68 -2.84 6.45
C GLU C 258 38.33 -4.08 5.83
N LYS C 265 37.93 -7.69 4.28
CA LYS C 265 36.79 -7.21 5.11
C LYS C 265 36.73 -7.85 6.48
N ILE C 266 37.08 -7.05 7.50
CA ILE C 266 37.06 -7.46 8.90
C ILE C 266 35.97 -6.59 9.51
N ASN C 267 35.13 -7.19 10.34
CA ASN C 267 34.04 -6.44 10.93
C ASN C 267 34.30 -6.12 12.38
N TYR C 268 34.23 -4.83 12.69
CA TYR C 268 34.46 -4.36 14.06
C TYR C 268 33.23 -3.71 14.63
N ALA C 269 32.79 -4.21 15.77
CA ALA C 269 31.65 -3.65 16.46
C ALA C 269 32.17 -2.62 17.44
N ASN C 270 31.89 -1.35 17.16
CA ASN C 270 32.32 -0.28 18.04
C ASN C 270 31.72 -0.41 19.43
N LYS C 271 32.30 0.31 20.38
CA LYS C 271 31.79 0.28 21.74
C LYS C 271 30.48 1.07 21.71
N VAL C 272 29.43 0.49 22.27
CA VAL C 272 28.11 1.09 22.30
C VAL C 272 28.08 2.41 23.08
N ILE C 273 27.64 3.48 22.43
CA ILE C 273 27.51 4.76 23.13
C ILE C 273 26.06 4.71 23.64
N ASN C 274 25.93 3.98 24.75
CA ASN C 274 24.68 3.66 25.40
C ASN C 274 23.77 4.75 25.96
N ASN C 275 22.58 4.31 26.36
CA ASN C 275 21.56 5.17 26.94
C ASN C 275 21.43 4.94 28.45
N ASN C 276 22.53 4.56 29.10
CA ASN C 276 22.51 4.33 30.54
C ASN C 276 22.23 5.68 31.17
N GLY C 277 21.27 5.71 32.09
CA GLY C 277 20.90 6.94 32.76
C GLY C 277 19.46 6.83 33.22
N ASN C 278 18.79 7.96 33.37
CA ASN C 278 17.40 7.95 33.80
C ASN C 278 16.61 9.08 33.18
N MET C 279 15.29 8.97 33.27
CA MET C 279 14.42 10.01 32.76
C MET C 279 13.32 10.29 33.75
N TRP C 280 12.99 11.56 33.86
CA TRP C 280 11.94 12.02 34.74
C TRP C 280 11.02 12.81 33.85
N ARG C 281 9.73 12.56 33.94
CA ARG C 281 8.77 13.32 33.16
C ARG C 281 7.63 13.62 34.11
N ILE C 282 7.33 14.91 34.28
CA ILE C 282 6.25 15.36 35.15
C ILE C 282 5.38 16.11 34.17
N LEU C 283 4.15 15.64 33.98
CA LEU C 283 3.26 16.20 32.98
C LEU C 283 1.91 16.49 33.54
N ASP C 284 1.28 17.54 33.02
CA ASP C 284 -0.07 17.88 33.41
C ASP C 284 -0.73 18.49 32.20
N HIS C 285 -1.84 17.88 31.77
CA HIS C 285 -2.60 18.35 30.62
C HIS C 285 -4.08 18.15 30.84
N GLY C 286 -4.89 18.85 30.07
CA GLY C 286 -6.31 18.69 30.25
C GLY C 286 -7.11 19.40 29.19
N ALA C 287 -8.43 19.25 29.29
CA ALA C 287 -9.38 19.84 28.37
C ALA C 287 -10.58 20.11 29.23
N ILE C 288 -11.03 21.35 29.28
CA ILE C 288 -12.18 21.71 30.10
C ILE C 288 -13.03 22.77 29.42
N SER C 289 -14.24 23.00 29.94
CA SER C 289 -15.15 24.00 29.41
C SER C 289 -15.33 25.14 30.41
N LEU C 290 -15.03 26.35 29.97
CA LEU C 290 -15.20 27.53 30.81
C LEU C 290 -16.46 28.24 30.35
N GLY C 291 -17.61 27.79 30.82
CA GLY C 291 -18.86 28.43 30.44
C GLY C 291 -19.43 27.89 29.14
N ASP C 292 -20.28 28.68 28.51
CA ASP C 292 -20.93 28.28 27.26
C ASP C 292 -20.11 28.53 26.00
N LYS C 293 -19.37 29.63 25.97
CA LYS C 293 -18.60 29.99 24.79
C LYS C 293 -17.13 29.62 24.76
N TRP C 294 -16.61 29.04 25.83
CA TRP C 294 -15.18 28.73 25.88
C TRP C 294 -14.80 27.33 26.23
N ASP C 295 -13.85 26.79 25.47
CA ASP C 295 -13.32 25.47 25.76
C ASP C 295 -11.82 25.73 25.86
N LEU C 296 -11.10 24.86 26.57
CA LEU C 296 -9.66 25.05 26.74
C LEU C 296 -8.85 23.77 26.87
N MET C 297 -7.77 23.64 26.09
CA MET C 297 -6.85 22.49 26.21
C MET C 297 -5.54 23.11 26.69
N TYR C 298 -4.78 22.39 27.49
CA TYR C 298 -3.52 22.94 28.00
C TYR C 298 -2.51 21.84 28.31
N VAL C 299 -1.23 22.20 28.29
CA VAL C 299 -0.14 21.26 28.60
C VAL C 299 0.95 21.99 29.36
N GLY C 300 1.57 21.25 30.26
CA GLY C 300 2.68 21.75 31.02
C GLY C 300 3.53 20.51 31.25
N MET C 301 4.75 20.50 30.73
CA MET C 301 5.60 19.34 30.92
C MET C 301 7.09 19.61 31.13
N TYR C 302 7.67 18.85 32.05
CA TYR C 302 9.08 18.92 32.35
C TYR C 302 9.61 17.51 32.11
N GLN C 303 10.58 17.40 31.21
CA GLN C 303 11.17 16.11 30.90
C GLN C 303 12.67 16.24 30.91
N ASN C 304 13.30 15.39 31.71
CA ASN C 304 14.74 15.41 31.82
C ASN C 304 15.36 14.05 31.60
N ILE C 305 16.11 13.93 30.50
CA ILE C 305 16.83 12.70 30.17
C ILE C 305 18.28 12.93 30.61
N ASP C 306 18.64 12.25 31.69
CA ASP C 306 19.96 12.37 32.28
C ASP C 306 20.78 11.14 31.89
N TRP C 307 21.62 11.30 30.88
CA TRP C 307 22.45 10.18 30.47
C TRP C 307 23.81 10.29 31.11
N ASP C 308 24.28 9.16 31.59
CA ASP C 308 25.57 9.10 32.25
C ASP C 308 26.67 9.69 31.39
N ASN C 309 26.56 9.50 30.09
CA ASN C 309 27.55 10.02 29.16
C ASN C 309 27.38 11.50 28.89
N ASN C 310 26.32 12.07 29.46
CA ASN C 310 26.00 13.49 29.32
C ASN C 310 25.50 14.01 27.96
N LEU C 311 24.90 13.14 27.14
CA LEU C 311 24.41 13.57 25.84
C LEU C 311 22.87 13.76 25.84
N GLY C 312 22.30 13.98 27.02
CA GLY C 312 20.86 14.14 27.15
C GLY C 312 20.32 15.54 26.92
N THR C 313 19.09 15.77 27.40
CA THR C 313 18.41 17.06 27.27
C THR C 313 17.44 17.32 28.40
N GLU C 314 17.28 18.59 28.77
CA GLU C 314 16.33 19.00 29.80
C GLU C 314 15.29 19.83 29.03
N TRP C 315 14.04 19.37 29.02
CA TRP C 315 12.99 20.02 28.25
C TRP C 315 11.77 20.52 29.02
N TRP C 316 11.37 21.75 28.71
CA TRP C 316 10.20 22.41 29.31
C TRP C 316 9.32 22.77 28.16
N THR C 317 8.02 22.51 28.29
CA THR C 317 7.07 22.88 27.25
C THR C 317 5.78 23.32 27.92
N VAL C 318 5.21 24.41 27.43
CA VAL C 318 3.97 24.94 27.98
C VAL C 318 3.14 25.49 26.85
N GLY C 319 1.86 25.18 26.84
CA GLY C 319 1.03 25.65 25.78
C GLY C 319 -0.39 25.75 26.26
N VAL C 320 -1.19 26.45 25.47
CA VAL C 320 -2.57 26.66 25.82
C VAL C 320 -3.35 26.86 24.54
N ARG C 321 -4.54 26.29 24.48
CA ARG C 321 -5.38 26.38 23.29
C ARG C 321 -6.82 26.70 23.62
N PRO C 322 -7.16 27.99 23.70
CA PRO C 322 -8.55 28.32 24.02
C PRO C 322 -9.40 28.30 22.74
N MET C 323 -10.67 27.97 22.91
CA MET C 323 -11.61 27.90 21.79
C MET C 323 -12.82 28.72 22.15
N TYR C 324 -13.14 29.70 21.30
CA TYR C 324 -14.30 30.54 21.49
C TYR C 324 -15.34 30.10 20.52
N LYS C 325 -16.53 29.79 21.01
CA LYS C 325 -17.60 29.31 20.15
C LYS C 325 -18.56 30.39 19.67
N TRP C 326 -18.38 30.85 18.45
CA TRP C 326 -19.26 31.87 17.90
C TRP C 326 -20.63 31.28 17.76
N THR C 327 -20.70 30.08 17.20
CA THR C 327 -21.96 29.37 17.01
C THR C 327 -21.63 27.93 17.28
N PRO C 328 -22.62 27.04 17.31
CA PRO C 328 -22.32 25.63 17.58
C PRO C 328 -21.35 24.99 16.59
N ILE C 329 -21.36 25.44 15.34
CA ILE C 329 -20.48 24.84 14.34
C ILE C 329 -19.35 25.75 13.85
N MET C 330 -19.17 26.91 14.48
CA MET C 330 -18.10 27.81 14.08
C MET C 330 -17.40 28.41 15.30
N SER C 331 -16.09 28.39 15.27
CA SER C 331 -15.33 28.90 16.38
C SER C 331 -14.01 29.47 15.94
N THR C 332 -13.34 30.10 16.88
CA THR C 332 -12.05 30.70 16.66
C THR C 332 -11.14 30.09 17.71
N LEU C 333 -10.01 29.56 17.25
CA LEU C 333 -9.05 28.91 18.13
C LEU C 333 -7.77 29.69 18.18
N LEU C 334 -7.09 29.60 19.30
CA LEU C 334 -5.81 30.26 19.45
C LEU C 334 -4.93 29.24 20.12
N GLU C 335 -3.71 29.11 19.64
CA GLU C 335 -2.78 28.18 20.25
C GLU C 335 -1.45 28.88 20.51
N VAL C 336 -0.99 28.84 21.74
CA VAL C 336 0.28 29.45 22.09
C VAL C 336 1.12 28.39 22.78
N GLY C 337 2.30 28.13 22.23
CA GLY C 337 3.16 27.12 22.81
C GLY C 337 4.59 27.57 22.90
N TYR C 338 5.24 27.18 24.00
CA TYR C 338 6.62 27.54 24.26
C TYR C 338 7.44 26.30 24.61
N ASP C 339 8.62 26.20 24.02
CA ASP C 339 9.53 25.08 24.26
C ASP C 339 10.88 25.62 24.67
N ASN C 340 11.52 24.96 25.62
CA ASN C 340 12.85 25.33 26.03
C ASN C 340 13.62 24.04 26.25
N VAL C 341 14.69 23.84 25.47
CA VAL C 341 15.50 22.63 25.58
C VAL C 341 16.98 22.93 25.87
N LYS C 342 17.47 22.40 26.98
CA LYS C 342 18.85 22.58 27.38
C LYS C 342 19.64 21.32 27.03
N SER C 343 20.75 21.49 26.30
CA SER C 343 21.61 20.38 25.94
C SER C 343 22.37 19.95 27.18
N GLN C 344 22.28 18.68 27.55
CA GLN C 344 23.00 18.24 28.73
C GLN C 344 24.48 18.34 28.48
N GLN C 345 24.88 18.10 27.23
CA GLN C 345 26.27 18.13 26.83
C GLN C 345 26.92 19.52 26.89
N THR C 346 26.39 20.46 26.11
CA THR C 346 26.97 21.80 26.06
C THR C 346 26.43 22.76 27.09
N GLY C 347 25.24 22.50 27.61
CA GLY C 347 24.63 23.39 28.60
C GLY C 347 23.86 24.56 28.00
N ASP C 348 23.89 24.70 26.69
CA ASP C 348 23.18 25.78 26.02
C ASP C 348 21.68 25.50 25.96
N ARG C 349 20.90 26.51 25.58
CA ARG C 349 19.46 26.34 25.51
C ARG C 349 18.86 26.77 24.18
N ASN C 350 17.87 26.02 23.73
CA ASN C 350 17.15 26.34 22.49
C ASN C 350 15.75 26.65 22.92
N ASN C 351 15.14 27.66 22.32
CA ASN C 351 13.76 27.97 22.66
C ASN C 351 12.98 28.47 21.47
N GLN C 352 11.67 28.32 21.55
CA GLN C 352 10.79 28.74 20.50
C GLN C 352 9.42 28.94 21.06
N TYR C 353 8.70 29.88 20.48
CA TYR C 353 7.32 30.09 20.86
C TYR C 353 6.57 30.31 19.56
N LYS C 354 5.44 29.63 19.43
CA LYS C 354 4.66 29.77 18.23
C LYS C 354 3.25 30.19 18.63
N ILE C 355 2.67 31.10 17.87
CA ILE C 355 1.32 31.60 18.11
C ILE C 355 0.51 31.24 16.89
N THR C 356 -0.65 30.62 17.09
CA THR C 356 -1.53 30.26 15.98
C THR C 356 -2.95 30.77 16.20
N LEU C 357 -3.52 31.35 15.15
CA LEU C 357 -4.86 31.89 15.18
C LEU C 357 -5.59 31.17 14.05
N ALA C 358 -6.70 30.52 14.36
CA ALA C 358 -7.43 29.78 13.35
C ALA C 358 -8.95 29.93 13.42
N GLN C 359 -9.58 30.02 12.26
CA GLN C 359 -11.02 30.11 12.17
C GLN C 359 -11.43 28.67 11.84
N GLN C 360 -12.46 28.17 12.49
CA GLN C 360 -12.83 26.78 12.28
C GLN C 360 -14.32 26.46 12.25
N TRP C 361 -14.67 25.49 11.41
CA TRP C 361 -16.04 24.99 11.30
C TRP C 361 -15.92 23.53 11.68
N GLN C 362 -16.67 23.10 12.68
CA GLN C 362 -16.57 21.71 13.11
C GLN C 362 -17.92 21.06 13.41
N ALA C 363 -17.96 19.75 13.32
CA ALA C 363 -19.17 18.98 13.55
C ALA C 363 -19.41 18.83 15.04
N GLY C 364 -19.85 19.89 15.68
CA GLY C 364 -20.12 19.84 17.11
C GLY C 364 -19.60 21.09 17.78
N ASP C 365 -19.95 21.30 19.06
CA ASP C 365 -19.50 22.48 19.80
C ASP C 365 -18.39 22.20 20.81
N SER C 366 -17.59 21.18 20.55
CA SER C 366 -16.54 20.84 21.46
C SER C 366 -15.17 21.08 20.85
N ILE C 367 -14.19 21.28 21.72
CA ILE C 367 -12.83 21.49 21.27
C ILE C 367 -12.36 20.15 20.71
N TRP C 368 -13.09 19.09 21.06
CA TRP C 368 -12.81 17.72 20.60
C TRP C 368 -13.64 17.30 19.39
N SER C 369 -14.55 18.14 18.93
CA SER C 369 -15.38 17.78 17.78
C SER C 369 -14.61 17.71 16.48
N ARG C 370 -14.82 16.62 15.74
CA ARG C 370 -14.18 16.41 14.44
C ARG C 370 -15.26 15.81 13.56
N PRO C 371 -15.20 16.01 12.23
CA PRO C 371 -14.22 16.73 11.43
C PRO C 371 -14.18 18.21 11.74
N ALA C 372 -13.15 18.88 11.23
CA ALA C 372 -12.98 20.31 11.40
C ALA C 372 -12.25 20.83 10.18
N ILE C 373 -12.67 22.00 9.69
CA ILE C 373 -12.01 22.62 8.55
C ILE C 373 -11.49 23.93 9.10
N ARG C 374 -10.21 24.16 8.92
CA ARG C 374 -9.56 25.34 9.47
C ARG C 374 -8.85 26.22 8.48
N ILE C 375 -8.81 27.51 8.78
CA ILE C 375 -8.04 28.46 8.01
C ILE C 375 -7.24 29.08 9.14
N PHE C 376 -5.92 29.09 8.99
CA PHE C 376 -5.07 29.58 10.06
C PHE C 376 -3.92 30.45 9.59
N ALA C 377 -3.24 31.05 10.55
CA ALA C 377 -2.06 31.88 10.33
C ALA C 377 -1.22 31.54 11.55
N THR C 378 0.03 31.15 11.31
CA THR C 378 0.95 30.77 12.38
C THR C 378 2.21 31.61 12.31
N TYR C 379 2.72 31.98 13.49
CA TYR C 379 3.95 32.75 13.62
C TYR C 379 4.82 32.05 14.63
N ALA C 380 6.09 31.89 14.31
CA ALA C 380 7.02 31.24 15.22
C ALA C 380 8.32 32.01 15.26
N LYS C 381 8.85 32.18 16.46
CA LYS C 381 10.10 32.88 16.69
C LYS C 381 10.96 31.91 17.48
N TRP C 382 12.20 31.72 17.05
CA TRP C 382 13.09 30.82 17.75
C TRP C 382 14.48 31.37 17.87
N ASP C 383 15.17 30.92 18.91
CA ASP C 383 16.53 31.31 19.19
C ASP C 383 17.23 30.04 19.66
N GLU C 384 17.91 29.38 18.74
CA GLU C 384 18.60 28.14 19.09
C GLU C 384 20.09 28.36 19.21
N LYS C 385 20.60 28.10 20.42
CA LYS C 385 22.02 28.27 20.69
C LYS C 385 22.87 27.03 20.43
N TRP C 386 22.23 25.88 20.30
CA TRP C 386 22.94 24.64 20.04
C TRP C 386 22.20 23.78 19.01
N GLY C 387 22.82 22.70 18.58
CA GLY C 387 22.19 21.83 17.62
C GLY C 387 23.03 20.57 17.56
N TYR C 388 22.47 19.49 17.00
CA TYR C 388 23.22 18.26 16.90
C TYR C 388 24.18 18.40 15.74
N ILE C 389 25.40 17.94 15.96
CA ILE C 389 26.44 18.01 14.94
C ILE C 389 26.00 17.24 13.71
N LYS C 390 25.82 17.98 12.62
CA LYS C 390 25.40 17.42 11.35
C LYS C 390 26.60 16.86 10.61
N ASP C 391 26.74 15.55 10.68
CA ASP C 391 27.83 14.84 10.01
C ASP C 391 27.45 14.63 8.54
N GLY C 392 27.31 15.72 7.81
CA GLY C 392 26.94 15.66 6.40
C GLY C 392 25.66 14.89 6.14
N ASP C 393 24.52 15.58 6.23
CA ASP C 393 23.19 14.97 6.01
C ASP C 393 22.78 14.05 7.16
N ASN C 394 23.76 13.49 7.87
CA ASN C 394 23.51 12.61 9.00
C ASN C 394 23.60 13.43 10.26
N ILE C 395 22.62 13.27 11.15
CA ILE C 395 22.63 14.00 12.42
C ILE C 395 23.26 13.11 13.48
N SER C 396 24.20 13.67 14.24
CA SER C 396 24.91 12.95 15.29
C SER C 396 24.24 13.09 16.66
N ARG C 397 24.71 12.30 17.62
CA ARG C 397 24.21 12.34 18.98
C ARG C 397 24.84 13.49 19.74
N TYR C 398 25.98 13.96 19.24
CA TYR C 398 26.74 15.02 19.86
C TYR C 398 26.25 16.40 19.46
N ALA C 399 26.18 17.30 20.43
CA ALA C 399 25.72 18.65 20.18
C ALA C 399 26.91 19.58 20.09
N ALA C 400 26.68 20.78 19.58
CA ALA C 400 27.72 21.80 19.45
C ALA C 400 27.03 23.15 19.39
N ALA C 401 27.62 24.17 20.02
CA ALA C 401 27.04 25.50 20.01
C ALA C 401 27.02 25.99 18.57
N THR C 402 25.99 26.73 18.21
CA THR C 402 25.87 27.22 16.85
C THR C 402 27.07 28.09 16.48
N ASN C 403 27.52 28.91 17.44
CA ASN C 403 28.65 29.82 17.20
C ASN C 403 29.97 29.11 16.98
N SER C 404 30.13 27.92 17.53
CA SER C 404 31.35 27.16 17.35
C SER C 404 31.32 26.90 15.85
N GLY C 405 32.47 26.92 15.19
CA GLY C 405 32.46 26.70 13.75
C GLY C 405 31.91 25.37 13.27
N ILE C 406 31.48 24.51 14.20
CA ILE C 406 30.95 23.19 13.85
C ILE C 406 29.57 23.24 13.20
N SER C 407 29.38 22.36 12.23
CA SER C 407 28.12 22.26 11.51
C SER C 407 27.11 21.48 12.34
N THR C 408 25.99 22.13 12.67
CA THR C 408 24.93 21.52 13.45
C THR C 408 23.59 21.71 12.74
N ASN C 409 22.56 21.01 13.20
CA ASN C 409 21.23 21.13 12.59
C ASN C 409 20.42 22.24 13.26
N SER C 410 21.12 23.19 13.87
CA SER C 410 20.49 24.32 14.53
C SER C 410 19.83 25.27 13.53
N ARG C 411 18.70 25.85 13.93
CA ARG C 411 17.97 26.78 13.07
C ARG C 411 18.31 28.25 13.35
N GLY C 412 19.25 28.47 14.26
CA GLY C 412 19.66 29.83 14.57
C GLY C 412 18.62 30.67 15.27
N ASP C 413 18.72 31.98 15.07
CA ASP C 413 17.81 32.93 15.67
C ASP C 413 16.96 33.43 14.52
N SER C 414 15.68 33.12 14.50
CA SER C 414 14.87 33.60 13.41
C SER C 414 13.39 33.71 13.63
N ASP C 415 12.70 33.99 12.54
CA ASP C 415 11.28 34.24 12.52
C ASP C 415 10.61 33.65 11.28
N GLU C 416 9.32 33.35 11.39
CA GLU C 416 8.58 32.88 10.24
C GLU C 416 7.10 32.81 10.51
N TRP C 417 6.32 32.92 9.46
CA TRP C 417 4.89 32.82 9.60
C TRP C 417 4.35 32.06 8.41
N THR C 418 3.31 31.28 8.62
CA THR C 418 2.72 30.48 7.57
C THR C 418 1.24 30.65 7.69
N PHE C 419 0.51 30.13 6.72
CA PHE C 419 -0.94 30.18 6.73
C PHE C 419 -1.51 29.23 5.68
N GLY C 420 -2.77 28.84 5.87
CA GLY C 420 -3.41 27.92 4.94
C GLY C 420 -4.70 27.34 5.47
N ALA C 421 -5.15 26.25 4.85
CA ALA C 421 -6.37 25.55 5.22
C ALA C 421 -6.04 24.11 5.52
N GLN C 422 -6.86 23.47 6.33
CA GLN C 422 -6.60 22.08 6.69
C GLN C 422 -7.84 21.43 7.28
N MET C 423 -7.95 20.12 7.13
CA MET C 423 -9.06 19.40 7.74
C MET C 423 -8.40 18.37 8.67
N GLU C 424 -9.12 18.00 9.71
CA GLU C 424 -8.64 16.96 10.61
C GLU C 424 -9.90 16.20 11.01
N ILE C 425 -9.82 14.88 11.10
CA ILE C 425 -10.99 14.13 11.46
C ILE C 425 -10.65 12.80 12.08
N TRP C 426 -11.51 12.34 12.98
CA TRP C 426 -11.37 11.00 13.53
C TRP C 426 -12.80 10.50 13.53
N TRP C 427 -12.99 9.28 13.06
CA TRP C 427 -14.31 8.73 12.95
C TRP C 427 -14.32 7.30 13.43
CA CA D . 7.82 0.65 -2.08
#